data_8HOJ
#
_entry.id   8HOJ
#
_cell.length_a   104.728
_cell.length_b   108.544
_cell.length_c   84.350
_cell.angle_alpha   90.000
_cell.angle_beta   90.000
_cell.angle_gamma   90.000
#
_symmetry.space_group_name_H-M   'P 21 21 2'
#
loop_
_entity.id
_entity.type
_entity.pdbx_description
1 polymer UGT71AP2
2 non-polymer "URIDINE-5'-DIPHOSPHATE"
#
_entity_poly.entity_id   1
_entity_poly.type   'polypeptide(L)'
_entity_poly.pdbx_seq_one_letter_code
;GMTNVELVFIPSPGLSHLVSTVEAAKLLLHRDHRLSITVLITNLHKDTKVENYTLKTTSNPNTSPRLRFINLPTQEEDSI
DSQIRQVREIVSVLIKNPDSKLGGLVLDMFCTSFIQVAEEFAIPSYVFFTSGASALGLLQHLVSLKLEHNQDLTQFKDSD
VELSVPCFSVPVPAKVLPAVMVEGGPIEDTFMNYFKRIPETRGIMVNTFYELESFAIQSLLSDAKAPKVYPVGPILGFDQ
TQGPVGDDAIKKWLDDQPENSVVFLCFGTMGSFCEGQVKEIAMALEKSGNRFLWSLRKPEKGRVTEYENYEEVLPQGFLE
RTKGVGKVMGWAPQAAVLSHPAVGGFVSHCGWNSTLESLWFGVPMATFPLYAEQQMNAFLLVKEEGMAEMITLDYKIDFK
GEKQPEIVGSDEIEAAIRRLMAEESGVRRKVKEMQNKARSALLEGGSSYDAQCLFVHDVINNIG
;
_entity_poly.pdbx_strand_id   A,B
#
loop_
_chem_comp.id
_chem_comp.type
_chem_comp.name
_chem_comp.formula
UDP RNA linking URIDINE-5'-DIPHOSPHATE 'C9 H14 N2 O12 P2'
#
# COMPACT_ATOMS: atom_id res chain seq x y z
N THR A 3 39.48 9.20 3.15
CA THR A 3 38.12 9.43 2.72
C THR A 3 37.45 8.12 2.29
N ASN A 4 38.27 7.10 2.04
CA ASN A 4 37.76 5.80 1.65
C ASN A 4 37.10 5.11 2.85
N VAL A 5 35.96 4.48 2.59
CA VAL A 5 35.17 3.81 3.63
C VAL A 5 35.08 2.34 3.28
N GLU A 6 35.51 1.49 4.21
CA GLU A 6 35.48 0.04 4.02
C GLU A 6 34.33 -0.57 4.80
N LEU A 7 33.61 -1.48 4.16
CA LEU A 7 32.50 -2.19 4.77
C LEU A 7 32.85 -3.67 4.90
N VAL A 8 32.50 -4.26 6.04
CA VAL A 8 32.81 -5.66 6.32
C VAL A 8 31.49 -6.43 6.38
N PHE A 9 31.34 -7.41 5.50
CA PHE A 9 30.16 -8.26 5.45
C PHE A 9 30.46 -9.60 6.10
N ILE A 10 29.54 -10.07 6.93
CA ILE A 10 29.69 -11.36 7.61
C ILE A 10 28.46 -12.22 7.29
N PRO A 11 28.48 -12.98 6.20
CA PRO A 11 27.33 -13.84 5.88
C PRO A 11 27.38 -15.15 6.65
N SER A 12 26.21 -15.79 6.72
CA SER A 12 26.11 -17.10 7.36
C SER A 12 26.85 -18.13 6.52
N PRO A 13 27.30 -19.22 7.13
CA PRO A 13 28.05 -20.23 6.38
C PRO A 13 27.21 -20.83 5.25
N GLY A 14 27.87 -21.12 4.13
CA GLY A 14 27.22 -21.71 2.99
C GLY A 14 27.45 -20.90 1.72
N LEU A 15 27.39 -21.59 0.59
CA LEU A 15 27.58 -20.91 -0.70
C LEU A 15 26.39 -19.99 -1.00
N SER A 16 25.18 -20.39 -0.61
CA SER A 16 23.98 -19.64 -0.97
C SER A 16 24.04 -18.21 -0.41
N HIS A 17 24.12 -18.07 0.91
CA HIS A 17 24.11 -16.75 1.53
C HIS A 17 25.32 -15.92 1.13
N LEU A 18 26.40 -16.56 0.67
CA LEU A 18 27.56 -15.80 0.20
C LEU A 18 27.29 -15.15 -1.14
N VAL A 19 26.62 -15.87 -2.06
CA VAL A 19 26.36 -15.32 -3.40
C VAL A 19 25.51 -14.07 -3.31
N SER A 20 24.45 -14.10 -2.49
CA SER A 20 23.60 -12.92 -2.34
C SER A 20 24.38 -11.77 -1.72
N THR A 21 25.34 -12.07 -0.82
CA THR A 21 26.17 -11.02 -0.24
C THR A 21 27.10 -10.41 -1.28
N VAL A 22 27.69 -11.26 -2.14
CA VAL A 22 28.63 -10.78 -3.15
C VAL A 22 27.90 -9.95 -4.20
N GLU A 23 26.77 -10.45 -4.69
CA GLU A 23 26.03 -9.72 -5.73
C GLU A 23 25.51 -8.39 -5.21
N ALA A 24 25.07 -8.36 -3.95
CA ALA A 24 24.64 -7.09 -3.36
C ALA A 24 25.82 -6.14 -3.19
N ALA A 25 26.98 -6.68 -2.83
CA ALA A 25 28.18 -5.86 -2.67
C ALA A 25 28.62 -5.27 -4.00
N LYS A 26 28.51 -6.06 -5.08
CA LYS A 26 28.91 -5.57 -6.40
C LYS A 26 28.06 -4.38 -6.83
N LEU A 27 26.78 -4.36 -6.42
CA LEU A 27 25.91 -3.24 -6.79
C LEU A 27 26.19 -2.01 -5.93
N LEU A 28 26.42 -2.20 -4.64
CA LEU A 28 26.71 -1.07 -3.76
C LEU A 28 28.01 -0.39 -4.14
N LEU A 29 29.01 -1.15 -4.60
CA LEU A 29 30.28 -0.56 -5.01
C LEU A 29 30.10 0.38 -6.20
N HIS A 30 29.13 0.09 -7.07
CA HIS A 30 28.87 0.92 -8.23
C HIS A 30 28.19 2.24 -7.87
N ARG A 31 27.72 2.40 -6.64
CA ARG A 31 27.01 3.61 -6.24
C ARG A 31 27.91 4.68 -5.64
N ASP A 32 29.11 4.31 -5.21
CA ASP A 32 30.05 5.28 -4.63
C ASP A 32 31.46 4.71 -4.75
N HIS A 33 32.32 5.41 -5.50
CA HIS A 33 33.70 4.97 -5.68
C HIS A 33 34.53 5.08 -4.40
N ARG A 34 34.00 5.70 -3.36
CA ARG A 34 34.71 5.77 -2.09
C ARG A 34 34.50 4.55 -1.21
N LEU A 35 33.60 3.64 -1.58
CA LEU A 35 33.24 2.51 -0.76
C LEU A 35 34.03 1.27 -1.15
N SER A 36 34.48 0.53 -0.14
CA SER A 36 35.10 -0.78 -0.33
C SER A 36 34.38 -1.79 0.55
N ILE A 37 34.42 -3.05 0.15
CA ILE A 37 33.72 -4.11 0.85
C ILE A 37 34.65 -5.30 1.02
N THR A 38 34.75 -5.80 2.26
CA THR A 38 35.51 -7.00 2.58
C THR A 38 34.57 -8.02 3.18
N VAL A 39 34.50 -9.20 2.56
CA VAL A 39 33.59 -10.26 2.98
C VAL A 39 34.37 -11.28 3.80
N LEU A 40 33.84 -11.63 4.97
CA LEU A 40 34.45 -12.63 5.83
C LEU A 40 33.82 -13.99 5.52
N ILE A 41 34.65 -14.96 5.15
CA ILE A 41 34.20 -16.28 4.74
C ILE A 41 34.37 -17.24 5.91
N THR A 42 33.28 -17.91 6.30
CA THR A 42 33.30 -18.76 7.49
C THR A 42 34.14 -20.01 7.26
N ASN A 43 33.92 -20.73 6.16
CA ASN A 43 34.62 -21.98 5.87
C ASN A 43 35.11 -21.93 4.42
N LEU A 44 36.16 -21.15 4.18
CA LEU A 44 36.69 -21.03 2.82
C LEU A 44 37.45 -22.29 2.45
N HIS A 45 38.44 -22.68 3.25
CA HIS A 45 39.31 -23.80 2.92
C HIS A 45 38.70 -25.15 3.24
N LYS A 46 37.39 -25.23 3.48
CA LYS A 46 36.72 -26.47 3.81
C LYS A 46 35.66 -26.90 2.81
N ASP A 47 35.05 -25.96 2.08
CA ASP A 47 34.03 -26.26 1.09
C ASP A 47 34.56 -25.88 -0.29
N THR A 48 34.78 -26.89 -1.14
CA THR A 48 35.36 -26.65 -2.45
C THR A 48 34.46 -25.80 -3.34
N LYS A 49 33.15 -25.75 -3.05
CA LYS A 49 32.26 -24.90 -3.83
C LYS A 49 32.47 -23.43 -3.48
N VAL A 50 32.75 -23.14 -2.21
CA VAL A 50 33.04 -21.75 -1.81
C VAL A 50 34.39 -21.31 -2.35
N GLU A 51 35.35 -22.23 -2.45
CA GLU A 51 36.64 -21.90 -3.06
C GLU A 51 36.45 -21.46 -4.51
N ASN A 52 35.71 -22.24 -5.29
CA ASN A 52 35.52 -21.94 -6.70
C ASN A 52 34.85 -20.58 -6.88
N TYR A 53 33.83 -20.29 -6.07
CA TYR A 53 33.12 -19.02 -6.21
C TYR A 53 34.01 -17.85 -5.83
N THR A 54 34.70 -17.94 -4.69
CA THR A 54 35.58 -16.86 -4.26
C THR A 54 36.75 -16.69 -5.22
N LEU A 55 37.29 -17.79 -5.74
CA LEU A 55 38.41 -17.70 -6.67
C LEU A 55 37.96 -17.09 -8.00
N LYS A 56 36.88 -17.63 -8.59
CA LYS A 56 36.40 -17.12 -9.86
C LYS A 56 35.93 -15.68 -9.78
N THR A 57 35.56 -15.20 -8.59
CA THR A 57 35.16 -13.81 -8.43
C THR A 57 36.37 -12.89 -8.37
N THR A 58 37.36 -13.24 -7.54
CA THR A 58 38.55 -12.41 -7.41
C THR A 58 39.42 -12.49 -8.65
N SER A 59 39.44 -13.64 -9.34
CA SER A 59 40.25 -13.78 -10.54
C SER A 59 39.65 -13.09 -11.75
N ASN A 60 38.36 -12.77 -11.70
CA ASN A 60 37.71 -12.12 -12.84
C ASN A 60 38.17 -10.67 -12.95
N PRO A 61 38.63 -10.23 -14.13
CA PRO A 61 39.05 -8.82 -14.27
C PRO A 61 37.88 -7.85 -14.23
N ASN A 62 36.65 -8.31 -14.46
CA ASN A 62 35.51 -7.41 -14.46
C ASN A 62 34.99 -7.11 -13.05
N THR A 63 35.33 -7.93 -12.07
CA THR A 63 34.94 -7.63 -10.70
C THR A 63 35.75 -6.46 -10.15
N SER A 64 35.12 -5.68 -9.30
CA SER A 64 35.75 -4.47 -8.80
C SER A 64 36.96 -4.82 -7.94
N PRO A 65 38.05 -4.03 -8.03
CA PRO A 65 39.20 -4.28 -7.15
C PRO A 65 38.95 -3.94 -5.70
N ARG A 66 37.83 -3.30 -5.37
CA ARG A 66 37.47 -2.95 -4.01
C ARG A 66 36.66 -4.04 -3.31
N LEU A 67 36.64 -5.25 -3.86
CA LEU A 67 35.92 -6.38 -3.26
C LEU A 67 36.96 -7.40 -2.82
N ARG A 68 37.11 -7.56 -1.50
CA ARG A 68 38.10 -8.45 -0.92
C ARG A 68 37.42 -9.56 -0.14
N PHE A 69 37.95 -10.77 -0.25
CA PHE A 69 37.47 -11.92 0.51
C PHE A 69 38.54 -12.32 1.52
N ILE A 70 38.17 -12.33 2.79
CA ILE A 70 39.06 -12.68 3.88
C ILE A 70 38.48 -13.89 4.60
N ASN A 71 39.31 -14.90 4.85
CA ASN A 71 38.85 -16.15 5.42
C ASN A 71 38.76 -16.09 6.93
N LEU A 72 37.70 -16.69 7.48
CA LEU A 72 37.55 -16.87 8.92
C LEU A 72 37.99 -18.28 9.27
N PRO A 73 39.17 -18.48 9.86
CA PRO A 73 39.62 -19.84 10.18
C PRO A 73 38.85 -20.45 11.35
N THR A 74 37.58 -20.78 11.14
CA THR A 74 36.77 -21.39 12.19
C THR A 74 37.11 -22.86 12.33
N GLN A 75 37.38 -23.29 13.56
CA GLN A 75 37.65 -24.69 13.87
C GLN A 75 36.35 -25.45 14.03
N GLU A 76 36.39 -26.58 14.74
CA GLU A 76 35.21 -27.39 14.99
C GLU A 76 34.59 -27.13 16.36
N GLU A 77 35.40 -26.77 17.35
CA GLU A 77 34.91 -26.59 18.71
C GLU A 77 34.53 -25.14 19.03
N ASP A 78 34.80 -24.20 18.12
CA ASP A 78 34.48 -22.81 18.39
C ASP A 78 32.97 -22.61 18.43
N SER A 79 32.46 -22.21 19.59
CA SER A 79 31.07 -21.77 19.69
C SER A 79 31.01 -20.29 19.33
N ILE A 80 30.02 -19.57 19.87
CA ILE A 80 29.97 -18.13 19.66
C ILE A 80 31.08 -17.40 20.40
N ASP A 81 31.77 -18.09 21.31
CA ASP A 81 32.86 -17.48 22.06
C ASP A 81 34.05 -17.17 21.14
N SER A 82 34.58 -18.20 20.48
CA SER A 82 35.77 -18.05 19.64
C SER A 82 35.47 -17.42 18.29
N GLN A 83 34.24 -17.55 17.79
CA GLN A 83 33.90 -16.90 16.53
C GLN A 83 33.99 -15.39 16.64
N ILE A 84 33.62 -14.84 17.81
CA ILE A 84 33.68 -13.40 18.02
C ILE A 84 35.12 -12.90 17.98
N ARG A 85 36.04 -13.68 18.56
CA ARG A 85 37.42 -13.23 18.65
C ARG A 85 38.09 -13.19 17.28
N GLN A 86 37.84 -14.21 16.45
CA GLN A 86 38.47 -14.25 15.14
C GLN A 86 37.97 -13.13 14.25
N VAL A 87 36.75 -12.65 14.48
CA VAL A 87 36.30 -11.43 13.83
C VAL A 87 36.94 -10.21 14.48
N ARG A 88 36.99 -10.19 15.81
CA ARG A 88 37.61 -9.08 16.52
C ARG A 88 39.10 -8.97 16.20
N GLU A 89 39.76 -10.09 15.92
CA GLU A 89 41.15 -10.05 15.48
C GLU A 89 41.27 -9.37 14.12
N ILE A 90 40.45 -9.80 13.16
CA ILE A 90 40.55 -9.26 11.80
C ILE A 90 40.13 -7.80 11.77
N VAL A 91 39.08 -7.44 12.53
CA VAL A 91 38.64 -6.05 12.57
C VAL A 91 39.74 -5.15 13.13
N SER A 92 40.43 -5.62 14.18
CA SER A 92 41.53 -4.84 14.74
C SER A 92 42.68 -4.70 13.75
N VAL A 93 42.87 -5.69 12.87
CA VAL A 93 43.89 -5.57 11.83
C VAL A 93 43.42 -4.63 10.73
N LEU A 94 42.10 -4.55 10.50
CA LEU A 94 41.58 -3.76 9.39
C LEU A 94 41.46 -2.27 9.70
N ILE A 95 41.33 -1.89 10.97
CA ILE A 95 41.30 -0.47 11.32
C ILE A 95 42.70 0.11 11.49
N LYS A 96 43.74 -0.72 11.44
CA LYS A 96 45.11 -0.21 11.46
C LYS A 96 45.47 0.51 10.17
N ASN A 97 44.67 0.37 9.13
CA ASN A 97 44.90 1.07 7.87
C ASN A 97 44.49 2.53 8.03
N PRO A 98 45.41 3.49 7.85
CA PRO A 98 45.01 4.91 7.90
C PRO A 98 44.44 5.42 6.59
N ASP A 99 44.47 4.63 5.53
CA ASP A 99 43.91 4.99 4.23
C ASP A 99 42.50 4.43 4.04
N SER A 100 41.80 4.13 5.13
CA SER A 100 40.45 3.59 5.06
C SER A 100 39.79 3.76 6.41
N LYS A 101 38.48 4.02 6.39
CA LYS A 101 37.67 4.15 7.59
C LYS A 101 36.63 3.05 7.60
N LEU A 102 36.64 2.21 8.63
CA LEU A 102 35.69 1.12 8.74
C LEU A 102 34.28 1.68 8.93
N GLY A 103 33.46 1.58 7.89
CA GLY A 103 32.09 2.08 7.95
C GLY A 103 31.15 1.25 8.81
N GLY A 104 31.57 0.06 9.22
CA GLY A 104 30.74 -0.77 10.07
C GLY A 104 30.69 -2.22 9.64
N LEU A 105 29.88 -3.02 10.33
CA LEU A 105 29.69 -4.43 10.02
C LEU A 105 28.29 -4.64 9.46
N VAL A 106 28.20 -5.34 8.34
CA VAL A 106 26.91 -5.72 7.75
C VAL A 106 26.75 -7.22 7.98
N LEU A 107 25.82 -7.58 8.86
CA LEU A 107 25.68 -8.95 9.33
C LEU A 107 24.46 -9.63 8.72
N ASP A 108 24.49 -10.96 8.75
CA ASP A 108 23.38 -11.77 8.29
C ASP A 108 22.31 -11.87 9.38
N MET A 109 21.17 -12.47 9.03
CA MET A 109 20.14 -12.72 10.04
C MET A 109 20.63 -13.70 11.09
N PHE A 110 21.49 -14.64 10.70
CA PHE A 110 22.07 -15.61 11.62
C PHE A 110 23.47 -15.21 12.08
N CYS A 111 23.87 -13.94 11.85
CA CYS A 111 25.17 -13.46 12.26
C CYS A 111 25.07 -12.19 13.10
N THR A 112 23.93 -11.96 13.75
CA THR A 112 23.74 -10.77 14.57
C THR A 112 24.50 -10.82 15.88
N SER A 113 25.21 -11.92 16.16
CA SER A 113 26.01 -11.99 17.38
C SER A 113 27.21 -11.05 17.33
N PHE A 114 27.67 -10.68 16.13
CA PHE A 114 28.83 -9.82 15.98
C PHE A 114 28.51 -8.34 16.14
N ILE A 115 27.32 -8.00 16.64
CA ILE A 115 27.08 -6.63 17.07
C ILE A 115 27.97 -6.29 18.26
N GLN A 116 28.34 -7.30 19.05
CA GLN A 116 29.30 -7.09 20.14
C GLN A 116 30.62 -6.56 19.61
N VAL A 117 31.12 -7.14 18.52
CA VAL A 117 32.40 -6.71 17.96
C VAL A 117 32.30 -5.28 17.44
N ALA A 118 31.20 -4.95 16.77
CA ALA A 118 31.02 -3.60 16.24
C ALA A 118 30.95 -2.58 17.37
N GLU A 119 30.34 -2.95 18.50
CA GLU A 119 30.23 -2.04 19.64
C GLU A 119 31.59 -1.83 20.30
N GLU A 120 32.44 -2.86 20.32
CA GLU A 120 33.75 -2.74 20.97
C GLU A 120 34.65 -1.76 20.21
N PHE A 121 34.54 -1.74 18.88
CA PHE A 121 35.38 -0.88 18.05
C PHE A 121 34.70 0.43 17.68
N ALA A 122 33.54 0.72 18.27
CA ALA A 122 32.82 1.98 18.04
C ALA A 122 32.50 2.18 16.57
N ILE A 123 32.13 1.11 15.88
CA ILE A 123 31.72 1.18 14.48
C ILE A 123 30.25 0.78 14.39
N PRO A 124 29.50 1.30 13.41
CA PRO A 124 28.08 0.96 13.31
C PRO A 124 27.87 -0.49 12.96
N SER A 125 26.64 -0.94 13.15
CA SER A 125 26.23 -2.31 12.86
C SER A 125 25.06 -2.30 11.89
N TYR A 126 25.13 -3.14 10.86
CA TYR A 126 24.08 -3.25 9.86
C TYR A 126 23.69 -4.71 9.68
N VAL A 127 22.52 -4.92 9.06
CA VAL A 127 21.98 -6.25 8.85
C VAL A 127 21.49 -6.37 7.41
N PHE A 128 21.87 -7.44 6.74
CA PHE A 128 21.42 -7.72 5.37
C PHE A 128 20.43 -8.88 5.44
N PHE A 129 19.14 -8.56 5.41
CA PHE A 129 18.09 -9.57 5.43
C PHE A 129 17.95 -10.16 4.04
N THR A 130 18.33 -11.43 3.89
CA THR A 130 18.30 -12.10 2.60
C THR A 130 16.90 -12.52 2.16
N SER A 131 15.89 -12.31 3.00
CA SER A 131 14.51 -12.60 2.64
C SER A 131 13.76 -11.29 2.42
N GLY A 132 12.42 -11.37 2.41
CA GLY A 132 11.60 -10.21 2.12
C GLY A 132 11.23 -9.42 3.35
N ALA A 133 10.49 -8.33 3.12
CA ALA A 133 10.05 -7.46 4.21
C ALA A 133 8.93 -8.09 5.01
N SER A 134 8.06 -8.88 4.37
CA SER A 134 6.99 -9.54 5.11
C SER A 134 7.54 -10.54 6.12
N ALA A 135 8.69 -11.14 5.82
CA ALA A 135 9.33 -12.03 6.79
C ALA A 135 9.92 -11.24 7.95
N LEU A 136 10.56 -10.10 7.65
CA LEU A 136 11.14 -9.27 8.71
C LEU A 136 10.07 -8.81 9.69
N GLY A 137 8.99 -8.21 9.17
CA GLY A 137 7.94 -7.71 10.04
C GLY A 137 7.27 -8.83 10.84
N LEU A 138 7.12 -10.00 10.24
CA LEU A 138 6.52 -11.12 10.95
C LEU A 138 7.44 -11.60 12.07
N LEU A 139 8.74 -11.75 11.77
CA LEU A 139 9.67 -12.19 12.80
C LEU A 139 9.76 -11.21 13.95
N GLN A 140 9.72 -9.91 13.65
CA GLN A 140 9.72 -8.91 14.72
C GLN A 140 8.40 -8.89 15.47
N HIS A 141 7.30 -9.19 14.79
CA HIS A 141 6.01 -9.30 15.47
C HIS A 141 5.99 -10.49 16.42
N LEU A 142 6.53 -11.63 15.99
CA LEU A 142 6.59 -12.80 16.86
C LEU A 142 7.58 -12.58 17.99
N VAL A 143 8.67 -11.85 17.74
CA VAL A 143 9.63 -11.56 18.81
C VAL A 143 9.01 -10.65 19.86
N SER A 144 8.31 -9.60 19.41
CA SER A 144 7.67 -8.69 20.35
C SER A 144 6.53 -9.36 21.11
N LEU A 145 5.89 -10.37 20.51
CA LEU A 145 4.85 -11.10 21.21
C LEU A 145 5.39 -11.85 22.40
N LYS A 146 6.55 -12.51 22.24
CA LYS A 146 7.14 -13.29 23.33
C LYS A 146 7.89 -12.39 24.30
N LEU A 147 8.63 -11.40 23.80
CA LEU A 147 9.49 -10.62 24.67
C LEU A 147 8.76 -9.47 25.34
N GLU A 148 7.91 -8.76 24.59
CA GLU A 148 7.23 -7.58 25.11
C GLU A 148 5.82 -7.86 25.61
N HIS A 149 5.20 -8.97 25.20
CA HIS A 149 3.84 -9.28 25.60
C HIS A 149 3.74 -10.54 26.45
N ASN A 150 4.86 -11.22 26.70
CA ASN A 150 4.90 -12.45 27.51
C ASN A 150 3.90 -13.49 26.99
N GLN A 151 4.22 -14.00 25.80
CA GLN A 151 3.35 -14.92 25.08
C GLN A 151 4.09 -16.21 24.78
N ASP A 152 3.43 -17.33 25.04
CA ASP A 152 3.95 -18.65 24.67
C ASP A 152 3.62 -18.88 23.20
N LEU A 153 4.62 -18.71 22.34
CA LEU A 153 4.41 -18.81 20.90
C LEU A 153 4.03 -20.21 20.44
N THR A 154 4.15 -21.22 21.31
CA THR A 154 3.70 -22.55 20.95
C THR A 154 2.18 -22.66 20.87
N GLN A 155 1.45 -21.62 21.30
CA GLN A 155 0.00 -21.62 21.19
C GLN A 155 -0.47 -21.56 19.75
N PHE A 156 0.36 -21.07 18.83
CA PHE A 156 0.03 -21.01 17.42
C PHE A 156 0.46 -22.26 16.67
N LYS A 157 1.12 -23.20 17.34
CA LYS A 157 1.60 -24.41 16.69
C LYS A 157 0.41 -25.30 16.30
N ASP A 158 0.28 -25.56 15.00
CA ASP A 158 -0.79 -26.40 14.46
C ASP A 158 -2.17 -25.86 14.86
N SER A 159 -2.34 -24.54 14.77
CA SER A 159 -3.57 -23.88 15.15
C SER A 159 -4.28 -23.33 13.92
N ASP A 160 -5.61 -23.42 13.93
CA ASP A 160 -6.43 -22.89 12.86
C ASP A 160 -6.81 -21.43 13.07
N VAL A 161 -6.15 -20.74 14.01
CA VAL A 161 -6.44 -19.34 14.28
C VAL A 161 -5.63 -18.48 13.33
N GLU A 162 -5.97 -17.19 13.25
CA GLU A 162 -5.27 -16.24 12.40
C GLU A 162 -4.71 -15.12 13.26
N LEU A 163 -3.60 -14.55 12.80
CA LEU A 163 -2.91 -13.50 13.53
C LEU A 163 -3.05 -12.17 12.80
N SER A 164 -3.11 -11.10 13.58
CA SER A 164 -3.12 -9.73 13.03
C SER A 164 -1.69 -9.22 13.05
N VAL A 165 -0.97 -9.48 11.96
CA VAL A 165 0.43 -9.07 11.82
C VAL A 165 0.46 -7.70 11.14
N PRO A 166 1.19 -6.72 11.69
CA PRO A 166 1.13 -5.36 11.12
C PRO A 166 1.59 -5.25 9.69
N CYS A 167 2.57 -6.07 9.28
CA CYS A 167 3.11 -6.01 7.92
C CYS A 167 2.31 -6.85 6.93
N PHE A 168 1.04 -7.15 7.23
CA PHE A 168 0.21 -7.95 6.36
C PHE A 168 -1.17 -7.33 6.29
N SER A 169 -1.70 -7.19 5.06
CA SER A 169 -3.03 -6.63 4.87
C SER A 169 -4.13 -7.67 5.05
N VAL A 170 -3.79 -8.95 5.16
CA VAL A 170 -4.77 -10.01 5.38
C VAL A 170 -4.36 -10.77 6.63
N PRO A 171 -5.30 -11.42 7.33
CA PRO A 171 -4.92 -12.18 8.53
C PRO A 171 -3.99 -13.33 8.18
N VAL A 172 -2.91 -13.45 8.94
CA VAL A 172 -1.89 -14.46 8.69
C VAL A 172 -2.28 -15.72 9.47
N PRO A 173 -2.54 -16.85 8.80
CA PRO A 173 -2.85 -18.07 9.53
C PRO A 173 -1.64 -18.54 10.33
N ALA A 174 -1.93 -19.16 11.48
CA ALA A 174 -0.86 -19.69 12.32
C ALA A 174 -0.15 -20.87 11.66
N LYS A 175 -0.79 -21.52 10.69
CA LYS A 175 -0.20 -22.67 10.02
C LYS A 175 0.86 -22.28 8.99
N VAL A 176 0.88 -21.03 8.55
CA VAL A 176 1.91 -20.55 7.63
C VAL A 176 3.04 -19.83 8.36
N LEU A 177 2.99 -19.75 9.68
CA LEU A 177 4.06 -19.15 10.44
C LEU A 177 5.34 -19.98 10.29
N PRO A 178 6.51 -19.35 10.37
CA PRO A 178 7.76 -20.12 10.41
C PRO A 178 7.77 -21.09 11.58
N ALA A 179 7.96 -22.37 11.27
CA ALA A 179 7.79 -23.41 12.27
C ALA A 179 8.77 -23.27 13.44
N VAL A 180 9.96 -22.73 13.18
CA VAL A 180 10.96 -22.60 14.24
C VAL A 180 10.62 -21.54 15.27
N MET A 181 9.64 -20.68 14.99
CA MET A 181 9.24 -19.62 15.91
C MET A 181 8.08 -20.00 16.79
N VAL A 182 7.36 -21.08 16.48
CA VAL A 182 6.24 -21.55 17.29
C VAL A 182 6.50 -22.93 17.88
N GLU A 183 7.75 -23.39 17.86
CA GLU A 183 8.08 -24.72 18.35
C GLU A 183 8.36 -24.73 19.85
N GLY A 184 9.11 -23.76 20.35
CA GLY A 184 9.48 -23.71 21.74
C GLY A 184 10.76 -24.49 22.03
N GLY A 185 11.27 -24.27 23.24
CA GLY A 185 12.45 -24.97 23.70
C GLY A 185 13.73 -24.46 23.07
N PRO A 186 14.67 -25.36 22.82
CA PRO A 186 15.97 -24.93 22.29
C PRO A 186 15.90 -24.38 20.88
N ILE A 187 14.96 -24.84 20.06
CA ILE A 187 14.88 -24.37 18.69
C ILE A 187 14.38 -22.92 18.65
N GLU A 188 13.29 -22.64 19.35
CA GLU A 188 12.77 -21.27 19.39
C GLU A 188 13.77 -20.32 20.04
N ASP A 189 14.41 -20.76 21.12
CA ASP A 189 15.36 -19.90 21.82
C ASP A 189 16.53 -19.51 20.92
N THR A 190 17.04 -20.45 20.13
CA THR A 190 18.16 -20.17 19.25
C THR A 190 17.80 -19.08 18.23
N PHE A 191 16.62 -19.20 17.62
CA PHE A 191 16.22 -18.25 16.58
C PHE A 191 15.73 -16.93 17.16
N MET A 192 15.18 -16.94 18.38
CA MET A 192 14.78 -15.68 19.00
C MET A 192 15.98 -14.83 19.36
N ASN A 193 17.10 -15.46 19.75
CA ASN A 193 18.32 -14.71 19.99
C ASN A 193 18.96 -14.21 18.70
N TYR A 194 18.56 -14.76 17.55
CA TYR A 194 19.07 -14.27 16.28
C TYR A 194 18.33 -13.01 15.81
N PHE A 195 17.00 -13.01 15.94
CA PHE A 195 16.20 -11.94 15.36
C PHE A 195 15.92 -10.79 16.33
N LYS A 196 16.01 -11.02 17.64
CA LYS A 196 15.72 -9.96 18.59
C LYS A 196 16.80 -8.88 18.60
N ARG A 197 18.00 -9.20 18.11
CA ARG A 197 19.10 -8.23 18.08
C ARG A 197 19.09 -7.37 16.83
N ILE A 198 18.19 -7.63 15.88
CA ILE A 198 18.11 -6.86 14.63
C ILE A 198 17.69 -5.42 14.90
N PRO A 199 16.65 -5.15 15.70
CA PRO A 199 16.26 -3.75 15.94
C PRO A 199 17.33 -2.92 16.64
N GLU A 200 18.43 -3.52 17.07
CA GLU A 200 19.51 -2.79 17.75
C GLU A 200 20.62 -2.37 16.79
N THR A 201 20.35 -2.38 15.48
CA THR A 201 21.33 -2.00 14.49
C THR A 201 21.01 -0.59 13.97
N ARG A 202 21.76 -0.16 12.96
CA ARG A 202 21.57 1.16 12.36
C ARG A 202 20.73 1.12 11.08
N GLY A 203 20.79 0.02 10.34
CA GLY A 203 20.02 -0.10 9.11
C GLY A 203 19.91 -1.55 8.70
N ILE A 204 18.80 -1.88 8.03
CA ILE A 204 18.51 -3.24 7.60
C ILE A 204 18.34 -3.25 6.09
N MET A 205 19.22 -3.96 5.40
CA MET A 205 19.09 -4.18 3.96
C MET A 205 18.19 -5.40 3.74
N VAL A 206 17.17 -5.23 2.89
CA VAL A 206 16.19 -6.27 2.63
C VAL A 206 16.27 -6.65 1.15
N ASN A 207 16.15 -7.94 0.86
CA ASN A 207 16.21 -8.44 -0.52
C ASN A 207 14.80 -8.47 -1.12
N THR A 208 14.30 -7.28 -1.42
CA THR A 208 13.00 -7.11 -2.04
C THR A 208 12.92 -5.73 -2.65
N PHE A 209 11.87 -5.49 -3.43
CA PHE A 209 11.61 -4.18 -3.99
C PHE A 209 10.27 -3.65 -3.51
N TYR A 210 10.12 -2.33 -3.57
CA TYR A 210 8.96 -1.68 -2.94
C TYR A 210 7.65 -2.08 -3.60
N GLU A 211 7.66 -2.26 -4.92
CA GLU A 211 6.43 -2.60 -5.62
C GLU A 211 5.96 -4.02 -5.31
N LEU A 212 6.83 -4.87 -4.79
CA LEU A 212 6.43 -6.22 -4.39
C LEU A 212 5.74 -6.19 -3.03
N GLU A 213 6.52 -6.00 -1.96
CA GLU A 213 5.97 -5.98 -0.61
C GLU A 213 5.85 -4.54 -0.12
N SER A 214 4.90 -3.83 -0.73
CA SER A 214 4.62 -2.46 -0.33
C SER A 214 4.16 -2.41 1.12
N PHE A 215 2.97 -2.92 1.39
CA PHE A 215 2.33 -2.79 2.71
C PHE A 215 3.27 -3.12 3.86
N ALA A 216 4.19 -4.08 3.66
CA ALA A 216 5.12 -4.43 4.73
C ALA A 216 6.18 -3.35 4.92
N ILE A 217 6.69 -2.79 3.82
CA ILE A 217 7.76 -1.79 3.93
C ILE A 217 7.23 -0.52 4.59
N GLN A 218 6.01 -0.09 4.24
CA GLN A 218 5.42 1.05 4.91
C GLN A 218 5.25 0.81 6.41
N SER A 219 4.87 -0.42 6.79
CA SER A 219 4.70 -0.74 8.20
C SER A 219 6.04 -0.77 8.91
N LEU A 220 7.08 -1.28 8.26
CA LEU A 220 8.40 -1.31 8.87
C LEU A 220 8.95 0.10 9.04
N LEU A 221 8.71 0.97 8.06
CA LEU A 221 9.20 2.35 8.13
C LEU A 221 8.35 3.23 9.04
N SER A 222 7.13 2.82 9.36
CA SER A 222 6.26 3.64 10.21
C SER A 222 6.84 3.76 11.61
N ASP A 223 7.45 2.70 12.12
CA ASP A 223 8.09 2.73 13.44
C ASP A 223 9.39 3.50 13.33
N ALA A 224 9.36 4.80 13.66
CA ALA A 224 10.56 5.60 13.66
C ALA A 224 11.55 5.18 14.74
N LYS A 225 11.09 4.46 15.75
CA LYS A 225 11.97 3.89 16.78
C LYS A 225 12.48 2.52 16.36
N ALA A 226 12.97 2.44 15.13
CA ALA A 226 13.43 1.18 14.55
C ALA A 226 14.43 1.51 13.45
N PRO A 227 15.33 0.57 13.14
CA PRO A 227 16.29 0.82 12.05
C PRO A 227 15.59 0.97 10.71
N LYS A 228 16.07 1.92 9.92
CA LYS A 228 15.50 2.15 8.59
C LYS A 228 15.80 0.98 7.67
N VAL A 229 14.80 0.56 6.91
CA VAL A 229 14.92 -0.58 6.01
C VAL A 229 15.21 -0.06 4.60
N TYR A 230 16.11 -0.76 3.90
CA TYR A 230 16.50 -0.40 2.54
C TYR A 230 16.17 -1.54 1.60
N PRO A 231 15.06 -1.48 0.87
CA PRO A 231 14.75 -2.56 -0.09
C PRO A 231 15.66 -2.49 -1.31
N VAL A 232 16.71 -3.31 -1.32
CA VAL A 232 17.71 -3.27 -2.37
C VAL A 232 17.55 -4.40 -3.39
N GLY A 233 16.45 -5.16 -3.30
CA GLY A 233 16.26 -6.31 -4.15
C GLY A 233 15.67 -5.94 -5.49
N PRO A 234 15.56 -6.93 -6.37
CA PRO A 234 15.94 -8.33 -6.11
C PRO A 234 17.42 -8.59 -6.36
N ILE A 235 18.10 -9.18 -5.37
CA ILE A 235 19.47 -9.62 -5.52
C ILE A 235 19.44 -11.08 -5.96
N LEU A 236 19.94 -11.34 -7.17
CA LEU A 236 19.89 -12.67 -7.76
C LEU A 236 21.30 -13.21 -7.95
N GLY A 237 21.39 -14.54 -8.00
CA GLY A 237 22.67 -15.22 -8.04
C GLY A 237 23.30 -15.35 -9.41
N PHE A 238 23.17 -14.31 -10.24
CA PHE A 238 23.86 -14.27 -11.53
C PHE A 238 24.18 -12.82 -11.85
N ASP A 239 24.57 -12.55 -13.10
CA ASP A 239 25.02 -11.23 -13.48
C ASP A 239 23.89 -10.21 -13.48
N GLN A 240 22.64 -10.65 -13.59
CA GLN A 240 21.45 -9.79 -13.64
C GLN A 240 21.47 -8.85 -14.85
N THR A 241 22.53 -8.90 -15.65
CA THR A 241 22.63 -8.13 -16.89
C THR A 241 23.20 -8.93 -18.05
N GLN A 242 23.99 -9.98 -17.81
CA GLN A 242 24.50 -10.82 -18.88
C GLN A 242 23.63 -12.06 -19.03
N GLY A 243 23.69 -12.96 -18.05
CA GLY A 243 22.90 -14.16 -18.07
C GLY A 243 23.46 -15.25 -17.18
N PRO A 244 22.61 -16.18 -16.76
CA PRO A 244 23.09 -17.29 -15.92
C PRO A 244 23.66 -18.41 -16.77
N VAL A 245 24.44 -19.27 -16.10
CA VAL A 245 25.04 -20.42 -16.77
C VAL A 245 23.97 -21.46 -17.05
N GLY A 246 24.01 -22.04 -18.25
CA GLY A 246 23.00 -22.98 -18.67
C GLY A 246 23.52 -24.39 -18.93
N ASP A 247 22.88 -25.09 -19.86
CA ASP A 247 23.25 -26.46 -20.19
C ASP A 247 22.79 -26.75 -21.60
N ASP A 248 23.67 -27.39 -22.38
CA ASP A 248 23.38 -27.61 -23.80
C ASP A 248 22.28 -28.64 -23.99
N ALA A 249 22.43 -29.83 -23.41
CA ALA A 249 21.39 -30.85 -23.52
C ALA A 249 20.08 -30.37 -22.93
N ILE A 250 20.14 -29.49 -21.92
CA ILE A 250 18.93 -28.88 -21.39
C ILE A 250 18.30 -27.94 -22.42
N LYS A 251 19.10 -27.02 -22.96
CA LYS A 251 18.60 -26.09 -23.98
C LYS A 251 18.09 -26.83 -25.20
N LYS A 252 18.63 -28.02 -25.49
CA LYS A 252 18.23 -28.75 -26.69
C LYS A 252 16.78 -29.18 -26.62
N TRP A 253 16.38 -29.80 -25.50
CA TRP A 253 15.02 -30.32 -25.41
C TRP A 253 13.99 -29.20 -25.26
N LEU A 254 14.31 -28.17 -24.49
CA LEU A 254 13.36 -27.07 -24.30
C LEU A 254 13.17 -26.24 -25.56
N ASP A 255 14.15 -26.24 -26.47
CA ASP A 255 13.98 -25.51 -27.72
C ASP A 255 12.90 -26.14 -28.60
N ASP A 256 12.66 -27.44 -28.44
CA ASP A 256 11.68 -28.13 -29.28
C ASP A 256 10.25 -27.91 -28.79
N GLN A 257 10.06 -27.70 -27.49
CA GLN A 257 8.73 -27.52 -26.96
C GLN A 257 8.20 -26.12 -27.25
N PRO A 258 6.89 -25.94 -27.33
CA PRO A 258 6.33 -24.62 -27.60
C PRO A 258 6.59 -23.66 -26.46
N GLU A 259 6.24 -22.40 -26.70
CA GLU A 259 6.42 -21.36 -25.69
C GLU A 259 5.40 -21.50 -24.58
N ASN A 260 5.88 -21.36 -23.34
CA ASN A 260 5.03 -21.42 -22.14
C ASN A 260 4.29 -22.75 -22.04
N SER A 261 4.97 -23.83 -22.44
CA SER A 261 4.35 -25.15 -22.44
C SER A 261 4.97 -26.12 -21.43
N VAL A 262 6.19 -25.86 -20.96
CA VAL A 262 6.88 -26.75 -20.03
C VAL A 262 6.71 -26.19 -18.63
N VAL A 263 6.31 -27.05 -17.68
CA VAL A 263 6.24 -26.70 -16.28
C VAL A 263 7.49 -27.26 -15.59
N PHE A 264 8.27 -26.37 -15.00
CA PHE A 264 9.50 -26.76 -14.32
C PHE A 264 9.23 -27.04 -12.86
N LEU A 265 9.86 -28.09 -12.34
CA LEU A 265 9.68 -28.53 -10.97
C LEU A 265 11.04 -28.60 -10.29
N CYS A 266 11.23 -27.80 -9.24
CA CYS A 266 12.45 -27.80 -8.47
C CYS A 266 12.13 -27.43 -7.03
N PHE A 267 12.83 -28.05 -6.09
CA PHE A 267 12.52 -27.91 -4.67
C PHE A 267 13.78 -27.58 -3.87
N GLY A 268 14.62 -26.71 -4.42
CA GLY A 268 15.76 -26.20 -3.68
C GLY A 268 16.80 -27.26 -3.37
N THR A 269 17.66 -26.92 -2.41
CA THR A 269 18.77 -27.77 -1.98
C THR A 269 18.41 -28.67 -0.80
N MET A 270 17.19 -28.59 -0.29
CA MET A 270 16.77 -29.43 0.84
C MET A 270 15.36 -29.96 0.63
N GLY A 271 14.97 -30.21 -0.62
CA GLY A 271 13.64 -30.74 -0.92
C GLY A 271 13.62 -32.25 -1.03
N SER A 272 14.02 -32.93 0.03
CA SER A 272 14.08 -34.40 0.05
C SER A 272 12.73 -34.93 0.49
N PHE A 273 11.88 -35.23 -0.50
CA PHE A 273 10.59 -35.83 -0.22
C PHE A 273 10.76 -37.31 0.15
N CYS A 274 9.70 -37.89 0.70
CA CYS A 274 9.67 -39.33 0.91
C CYS A 274 9.27 -40.03 -0.39
N GLU A 275 9.28 -41.36 -0.37
CA GLU A 275 8.90 -42.11 -1.55
C GLU A 275 7.45 -41.86 -1.93
N GLY A 276 6.58 -41.63 -0.94
CA GLY A 276 5.17 -41.44 -1.23
C GLY A 276 4.87 -40.13 -1.94
N GLN A 277 5.48 -39.04 -1.47
CA GLN A 277 5.20 -37.73 -2.07
C GLN A 277 5.72 -37.64 -3.49
N VAL A 278 6.85 -38.30 -3.79
CA VAL A 278 7.38 -38.28 -5.15
C VAL A 278 6.43 -38.98 -6.10
N LYS A 279 5.84 -40.11 -5.68
CA LYS A 279 4.91 -40.83 -6.54
C LYS A 279 3.64 -40.04 -6.78
N GLU A 280 3.22 -39.22 -5.81
CA GLU A 280 2.05 -38.38 -6.02
C GLU A 280 2.32 -37.27 -7.02
N ILE A 281 3.54 -36.72 -7.01
CA ILE A 281 3.90 -35.68 -7.96
C ILE A 281 3.97 -36.26 -9.37
N ALA A 282 4.55 -37.45 -9.51
CA ALA A 282 4.66 -38.07 -10.83
C ALA A 282 3.30 -38.45 -11.38
N MET A 283 2.40 -38.94 -10.51
CA MET A 283 1.05 -39.26 -10.97
C MET A 283 0.31 -38.01 -11.41
N ALA A 284 0.46 -36.90 -10.68
CA ALA A 284 -0.19 -35.66 -11.07
C ALA A 284 0.35 -35.14 -12.40
N LEU A 285 1.66 -35.27 -12.62
CA LEU A 285 2.23 -34.86 -13.90
C LEU A 285 1.71 -35.72 -15.04
N GLU A 286 1.41 -36.99 -14.78
CA GLU A 286 0.84 -37.85 -15.82
C GLU A 286 -0.59 -37.44 -16.14
N LYS A 287 -1.41 -37.24 -15.11
CA LYS A 287 -2.81 -36.89 -15.32
C LYS A 287 -2.96 -35.49 -15.88
N SER A 288 -1.99 -34.61 -15.62
CA SER A 288 -2.08 -33.25 -16.15
C SER A 288 -1.85 -33.22 -17.66
N GLY A 289 -1.05 -34.14 -18.19
CA GLY A 289 -0.72 -34.16 -19.60
C GLY A 289 0.18 -33.04 -20.06
N ASN A 290 0.66 -32.20 -19.15
CA ASN A 290 1.49 -31.05 -19.52
C ASN A 290 2.95 -31.48 -19.68
N ARG A 291 3.64 -30.81 -20.59
CA ARG A 291 5.07 -30.99 -20.72
C ARG A 291 5.76 -30.51 -19.45
N PHE A 292 6.70 -31.30 -18.94
CA PHE A 292 7.31 -31.01 -17.65
C PHE A 292 8.81 -31.28 -17.70
N LEU A 293 9.53 -30.55 -16.85
CA LEU A 293 10.94 -30.80 -16.58
C LEU A 293 11.10 -30.90 -15.07
N TRP A 294 11.47 -32.08 -14.58
CA TRP A 294 11.45 -32.38 -13.16
C TRP A 294 12.88 -32.54 -12.65
N SER A 295 13.28 -31.67 -11.73
CA SER A 295 14.57 -31.77 -11.04
C SER A 295 14.33 -32.56 -9.77
N LEU A 296 14.73 -33.83 -9.77
CA LEU A 296 14.46 -34.75 -8.67
C LEU A 296 15.76 -35.19 -8.02
N ARG A 297 15.84 -35.05 -6.70
CA ARG A 297 17.00 -35.51 -5.95
C ARG A 297 16.69 -36.83 -5.25
N ASN A 309 17.03 -46.63 -9.24
CA ASN A 309 16.80 -45.42 -8.45
C ASN A 309 15.48 -44.76 -8.83
N TYR A 310 15.43 -44.19 -10.04
CA TYR A 310 14.25 -43.45 -10.47
C TYR A 310 13.06 -44.39 -10.69
N GLU A 311 13.27 -45.48 -11.42
CA GLU A 311 12.19 -46.46 -11.62
C GLU A 311 11.76 -47.09 -10.30
N GLU A 312 12.60 -47.04 -9.28
CA GLU A 312 12.26 -47.58 -7.97
C GLU A 312 11.66 -46.53 -7.03
N VAL A 313 11.52 -45.29 -7.48
CA VAL A 313 10.96 -44.22 -6.66
C VAL A 313 9.78 -43.59 -7.38
N LEU A 314 9.64 -43.88 -8.67
CA LEU A 314 8.54 -43.40 -9.48
C LEU A 314 7.56 -44.53 -9.77
N PRO A 315 6.31 -44.21 -10.13
CA PRO A 315 5.34 -45.26 -10.46
C PRO A 315 5.82 -46.13 -11.60
N GLN A 316 5.18 -47.29 -11.73
CA GLN A 316 5.57 -48.27 -12.74
C GLN A 316 5.32 -47.71 -14.14
N GLY A 317 6.38 -47.67 -14.95
CA GLY A 317 6.26 -47.18 -16.31
C GLY A 317 6.01 -45.70 -16.43
N PHE A 318 6.42 -44.92 -15.43
CA PHE A 318 6.22 -43.47 -15.51
C PHE A 318 7.11 -42.84 -16.58
N LEU A 319 8.38 -43.26 -16.64
CA LEU A 319 9.28 -42.72 -17.67
C LEU A 319 8.91 -43.22 -19.05
N GLU A 320 8.32 -44.41 -19.15
CA GLU A 320 7.98 -44.97 -20.46
C GLU A 320 6.76 -44.28 -21.06
N ARG A 321 5.74 -44.02 -20.24
CA ARG A 321 4.55 -43.34 -20.74
C ARG A 321 4.80 -41.85 -20.98
N THR A 322 5.68 -41.24 -20.20
CA THR A 322 6.04 -39.83 -20.36
C THR A 322 7.48 -39.78 -20.88
N LYS A 323 7.64 -40.08 -22.17
CA LYS A 323 8.94 -40.04 -22.82
C LYS A 323 9.08 -38.85 -23.75
N GLY A 324 8.11 -38.61 -24.61
CA GLY A 324 8.13 -37.47 -25.50
C GLY A 324 7.51 -36.20 -24.95
N VAL A 325 6.94 -36.26 -23.75
CA VAL A 325 6.28 -35.10 -23.17
C VAL A 325 7.07 -34.50 -22.01
N GLY A 326 7.91 -35.28 -21.32
CA GLY A 326 8.61 -34.76 -20.16
C GLY A 326 9.94 -35.44 -19.95
N LYS A 327 10.78 -34.79 -19.15
CA LYS A 327 12.12 -35.28 -18.84
C LYS A 327 12.37 -35.15 -17.34
N VAL A 328 12.97 -36.18 -16.75
CA VAL A 328 13.30 -36.21 -15.34
C VAL A 328 14.83 -36.24 -15.20
N MET A 329 15.35 -35.56 -14.20
CA MET A 329 16.79 -35.42 -14.02
C MET A 329 17.06 -35.06 -12.57
N GLY A 330 18.33 -34.78 -12.27
CA GLY A 330 18.74 -34.42 -10.92
C GLY A 330 18.85 -32.92 -10.72
N TRP A 331 20.05 -32.44 -10.40
CA TRP A 331 20.25 -31.01 -10.20
C TRP A 331 20.00 -30.26 -11.50
N ALA A 332 19.47 -29.04 -11.37
CA ALA A 332 19.07 -28.25 -12.52
C ALA A 332 19.61 -26.83 -12.41
N PRO A 333 20.08 -26.26 -13.52
CA PRO A 333 20.37 -24.81 -13.53
C PRO A 333 19.09 -24.01 -13.46
N GLN A 334 18.71 -23.58 -12.25
CA GLN A 334 17.37 -23.04 -12.03
C GLN A 334 17.16 -21.74 -12.80
N ALA A 335 18.05 -20.76 -12.61
CA ALA A 335 17.87 -19.46 -13.25
C ALA A 335 17.89 -19.59 -14.77
N ALA A 336 18.73 -20.46 -15.31
CA ALA A 336 18.80 -20.62 -16.76
C ALA A 336 17.55 -21.28 -17.31
N VAL A 337 17.00 -22.26 -16.60
CA VAL A 337 15.81 -22.95 -17.08
C VAL A 337 14.61 -22.01 -17.08
N LEU A 338 14.43 -21.26 -16.00
CA LEU A 338 13.32 -20.31 -15.92
C LEU A 338 13.42 -19.22 -16.98
N SER A 339 14.62 -18.95 -17.48
CA SER A 339 14.79 -17.95 -18.54
C SER A 339 14.43 -18.48 -19.92
N HIS A 340 14.38 -19.80 -20.10
CA HIS A 340 14.05 -20.36 -21.39
C HIS A 340 12.58 -20.04 -21.74
N PRO A 341 12.32 -19.62 -22.97
CA PRO A 341 10.93 -19.26 -23.34
C PRO A 341 9.95 -20.42 -23.25
N ALA A 342 10.44 -21.67 -23.22
CA ALA A 342 9.53 -22.81 -23.16
C ALA A 342 8.89 -22.96 -21.78
N VAL A 343 9.59 -22.55 -20.73
CA VAL A 343 9.09 -22.70 -19.37
C VAL A 343 8.02 -21.66 -19.11
N GLY A 344 6.80 -22.11 -18.85
CA GLY A 344 5.70 -21.21 -18.53
C GLY A 344 5.11 -21.48 -17.17
N GLY A 345 5.72 -22.39 -16.41
CA GLY A 345 5.27 -22.70 -15.07
C GLY A 345 6.42 -23.15 -14.20
N PHE A 346 6.23 -23.02 -12.89
CA PHE A 346 7.28 -23.33 -11.93
C PHE A 346 6.63 -23.82 -10.65
N VAL A 347 6.70 -25.13 -10.42
CA VAL A 347 6.28 -25.73 -9.16
C VAL A 347 7.48 -25.63 -8.20
N SER A 348 7.40 -24.70 -7.25
CA SER A 348 8.54 -24.36 -6.43
C SER A 348 8.26 -24.64 -4.96
N HIS A 349 9.34 -24.75 -4.19
CA HIS A 349 9.28 -24.81 -2.74
C HIS A 349 9.14 -23.43 -2.10
N CYS A 350 9.02 -22.38 -2.92
CA CYS A 350 8.77 -21.01 -2.47
C CYS A 350 9.95 -20.41 -1.70
N GLY A 351 11.17 -20.87 -1.98
CA GLY A 351 12.34 -20.17 -1.49
C GLY A 351 12.41 -18.78 -2.10
N TRP A 352 12.87 -17.81 -1.29
CA TRP A 352 12.84 -16.42 -1.72
C TRP A 352 13.71 -16.21 -2.96
N ASN A 353 14.89 -16.81 -3.00
CA ASN A 353 15.73 -16.71 -4.19
C ASN A 353 15.04 -17.34 -5.40
N SER A 354 14.45 -18.52 -5.20
CA SER A 354 13.69 -19.15 -6.29
C SER A 354 12.47 -18.32 -6.65
N THR A 355 11.84 -17.70 -5.65
CA THR A 355 10.68 -16.83 -5.93
C THR A 355 11.10 -15.61 -6.74
N LEU A 356 12.23 -15.00 -6.39
CA LEU A 356 12.69 -13.81 -7.11
C LEU A 356 13.19 -14.18 -8.51
N GLU A 357 13.85 -15.33 -8.65
CA GLU A 357 14.30 -15.79 -9.96
C GLU A 357 13.12 -16.00 -10.90
N SER A 358 12.10 -16.73 -10.43
CA SER A 358 10.91 -16.95 -11.25
C SER A 358 10.19 -15.66 -11.56
N LEU A 359 10.22 -14.70 -10.63
CA LEU A 359 9.61 -13.40 -10.89
C LEU A 359 10.44 -12.59 -11.89
N TRP A 360 11.77 -12.72 -11.82
CA TRP A 360 12.63 -12.00 -12.74
C TRP A 360 12.39 -12.42 -14.19
N PHE A 361 11.99 -13.67 -14.42
CA PHE A 361 11.75 -14.19 -15.75
C PHE A 361 10.27 -14.33 -16.06
N GLY A 362 9.39 -13.78 -15.22
CA GLY A 362 7.97 -13.77 -15.51
C GLY A 362 7.31 -15.13 -15.53
N VAL A 363 7.83 -16.08 -14.77
CA VAL A 363 7.29 -17.44 -14.71
C VAL A 363 6.37 -17.52 -13.50
N PRO A 364 5.10 -17.87 -13.66
CA PRO A 364 4.21 -18.03 -12.50
C PRO A 364 4.55 -19.29 -11.73
N MET A 365 4.19 -19.28 -10.45
CA MET A 365 4.61 -20.32 -9.52
C MET A 365 3.42 -21.09 -8.96
N ALA A 366 3.66 -22.37 -8.69
CA ALA A 366 2.74 -23.22 -7.94
C ALA A 366 3.42 -23.57 -6.62
N THR A 367 2.79 -23.18 -5.52
CA THR A 367 3.44 -23.22 -4.22
C THR A 367 3.45 -24.63 -3.63
N PHE A 368 4.63 -25.07 -3.21
CA PHE A 368 4.80 -26.31 -2.45
C PHE A 368 5.83 -26.04 -1.35
N PRO A 369 5.48 -25.23 -0.36
CA PRO A 369 6.47 -24.85 0.66
C PRO A 369 6.86 -26.01 1.55
N LEU A 370 8.10 -25.96 2.05
CA LEU A 370 8.64 -27.08 2.82
C LEU A 370 9.12 -26.64 4.20
N TYR A 371 10.23 -25.89 4.24
CA TYR A 371 10.85 -25.48 5.49
C TYR A 371 11.03 -23.98 5.49
N ALA A 372 11.60 -23.47 6.58
CA ALA A 372 11.95 -22.05 6.76
C ALA A 372 10.67 -21.21 6.59
N GLU A 373 10.81 -19.99 6.08
CA GLU A 373 9.69 -19.09 5.90
C GLU A 373 8.91 -19.34 4.62
N GLN A 374 9.17 -20.47 3.93
CA GLN A 374 8.52 -20.75 2.66
C GLN A 374 7.00 -20.86 2.81
N GLN A 375 6.53 -21.26 3.99
CA GLN A 375 5.09 -21.28 4.23
C GLN A 375 4.49 -19.89 4.15
N MET A 376 5.20 -18.89 4.66
CA MET A 376 4.73 -17.52 4.59
C MET A 376 4.90 -16.95 3.19
N ASN A 377 6.01 -17.28 2.52
CA ASN A 377 6.21 -16.83 1.13
C ASN A 377 5.08 -17.34 0.23
N ALA A 378 4.68 -18.60 0.42
CA ALA A 378 3.56 -19.13 -0.34
C ALA A 378 2.28 -18.37 -0.03
N PHE A 379 2.04 -18.09 1.25
CA PHE A 379 0.86 -17.31 1.63
C PHE A 379 0.94 -15.90 1.08
N LEU A 380 2.15 -15.33 1.01
CA LEU A 380 2.32 -13.97 0.52
C LEU A 380 1.97 -13.87 -0.96
N LEU A 381 2.46 -14.81 -1.77
CA LEU A 381 2.22 -14.74 -3.20
C LEU A 381 0.79 -15.11 -3.55
N VAL A 382 0.21 -16.07 -2.83
CA VAL A 382 -1.11 -16.59 -3.19
C VAL A 382 -2.22 -15.69 -2.66
N LYS A 383 -2.24 -15.47 -1.35
CA LYS A 383 -3.36 -14.76 -0.72
C LYS A 383 -3.14 -13.25 -0.63
N GLU A 384 -1.91 -12.82 -0.32
CA GLU A 384 -1.67 -11.39 -0.15
C GLU A 384 -1.61 -10.66 -1.49
N GLU A 385 -0.88 -11.20 -2.46
CA GLU A 385 -0.69 -10.54 -3.74
C GLU A 385 -1.47 -11.17 -4.89
N GLY A 386 -1.74 -12.47 -4.82
CA GLY A 386 -2.45 -13.14 -5.90
C GLY A 386 -1.64 -13.31 -7.16
N MET A 387 -0.37 -13.65 -7.04
CA MET A 387 0.51 -13.86 -8.19
C MET A 387 1.11 -15.26 -8.19
N ALA A 388 0.35 -16.24 -7.71
CA ALA A 388 0.80 -17.64 -7.70
C ALA A 388 -0.38 -18.54 -7.40
N GLU A 389 -0.47 -19.65 -8.13
CA GLU A 389 -1.42 -20.69 -7.77
C GLU A 389 -0.85 -21.54 -6.65
N MET A 390 -1.74 -22.08 -5.82
CA MET A 390 -1.34 -22.81 -4.63
C MET A 390 -1.63 -24.29 -4.79
N ILE A 391 -0.64 -25.12 -4.47
CA ILE A 391 -0.88 -26.54 -4.20
C ILE A 391 -1.16 -26.75 -2.72
N THR A 392 -0.35 -26.12 -1.87
CA THR A 392 -0.54 -26.13 -0.44
C THR A 392 0.13 -24.89 0.14
N LEU A 393 -0.34 -24.48 1.32
CA LEU A 393 0.23 -23.34 2.02
C LEU A 393 0.80 -23.68 3.38
N ASP A 394 0.40 -24.79 4.00
CA ASP A 394 0.84 -25.14 5.34
C ASP A 394 1.59 -26.47 5.39
N TYR A 395 2.02 -27.00 4.25
CA TYR A 395 2.76 -28.26 4.25
C TYR A 395 4.12 -28.07 4.90
N LYS A 396 4.47 -29.00 5.79
CA LYS A 396 5.76 -29.01 6.47
C LYS A 396 6.46 -30.33 6.17
N ILE A 397 7.73 -30.24 5.76
CA ILE A 397 8.44 -31.44 5.34
C ILE A 397 8.98 -32.21 6.54
N ASP A 398 9.27 -31.54 7.64
CA ASP A 398 9.88 -32.18 8.81
C ASP A 398 8.79 -32.86 9.63
N PHE A 399 8.82 -34.19 9.65
CA PHE A 399 7.90 -34.98 10.45
C PHE A 399 8.56 -35.33 11.78
N LYS A 400 7.87 -35.07 12.88
CA LYS A 400 8.42 -35.28 14.21
C LYS A 400 8.22 -36.71 14.67
N GLY A 401 9.11 -37.16 15.56
CA GLY A 401 9.05 -38.48 16.15
C GLY A 401 9.08 -39.58 15.11
N GLU A 402 8.43 -40.70 15.44
CA GLU A 402 8.28 -41.82 14.53
C GLU A 402 6.93 -41.80 13.81
N LYS A 403 6.43 -40.61 13.52
CA LYS A 403 5.12 -40.46 12.88
C LYS A 403 5.25 -40.51 11.36
N GLN A 404 4.12 -40.76 10.70
CA GLN A 404 4.10 -40.87 9.25
C GLN A 404 4.01 -39.48 8.62
N PRO A 405 4.81 -39.18 7.59
CA PRO A 405 4.77 -37.85 7.00
C PRO A 405 3.46 -37.60 6.27
N GLU A 406 2.94 -36.38 6.42
CA GLU A 406 1.74 -35.98 5.69
C GLU A 406 2.04 -35.89 4.20
N ILE A 407 1.00 -36.10 3.39
CA ILE A 407 1.16 -36.24 1.95
C ILE A 407 0.08 -35.44 1.24
N VAL A 408 0.47 -34.66 0.24
CA VAL A 408 -0.48 -33.95 -0.63
C VAL A 408 -0.84 -34.86 -1.80
N GLY A 409 -2.13 -35.00 -2.05
CA GLY A 409 -2.59 -35.92 -3.08
C GLY A 409 -2.29 -35.41 -4.48
N SER A 410 -2.27 -36.36 -5.42
CA SER A 410 -1.99 -36.01 -6.82
C SER A 410 -3.10 -35.17 -7.42
N ASP A 411 -4.34 -35.33 -6.93
CA ASP A 411 -5.44 -34.53 -7.45
C ASP A 411 -5.26 -33.06 -7.12
N GLU A 412 -4.80 -32.75 -5.90
CA GLU A 412 -4.55 -31.36 -5.54
C GLU A 412 -3.38 -30.79 -6.33
N ILE A 413 -2.36 -31.60 -6.63
CA ILE A 413 -1.24 -31.13 -7.42
C ILE A 413 -1.65 -30.95 -8.88
N GLU A 414 -2.43 -31.89 -9.41
CA GLU A 414 -2.85 -31.79 -10.80
C GLU A 414 -3.78 -30.61 -11.03
N ALA A 415 -4.63 -30.29 -10.05
CA ALA A 415 -5.52 -29.15 -10.20
C ALA A 415 -4.74 -27.83 -10.26
N ALA A 416 -3.72 -27.69 -9.41
CA ALA A 416 -2.96 -26.46 -9.38
C ALA A 416 -2.08 -26.31 -10.61
N ILE A 417 -1.62 -27.42 -11.19
CA ILE A 417 -0.84 -27.35 -12.43
C ILE A 417 -1.73 -26.91 -13.59
N ARG A 418 -2.96 -27.42 -13.63
CA ARG A 418 -3.89 -27.03 -14.70
C ARG A 418 -4.24 -25.55 -14.62
N ARG A 419 -4.44 -25.04 -13.41
CA ARG A 419 -4.66 -23.61 -13.24
C ARG A 419 -3.41 -22.80 -13.60
N LEU A 420 -2.23 -23.39 -13.40
CA LEU A 420 -0.98 -22.67 -13.65
C LEU A 420 -0.65 -22.61 -15.14
N MET A 421 -0.92 -23.69 -15.87
CA MET A 421 -0.56 -23.77 -17.28
C MET A 421 -1.69 -23.34 -18.20
N ALA A 422 -2.73 -22.69 -17.67
CA ALA A 422 -3.76 -22.12 -18.52
C ALA A 422 -3.18 -20.98 -19.35
N GLU A 423 -3.76 -20.79 -20.54
CA GLU A 423 -3.25 -19.76 -21.44
C GLU A 423 -3.41 -18.36 -20.85
N GLU A 424 -4.56 -18.09 -20.22
CA GLU A 424 -4.82 -16.81 -19.60
C GLU A 424 -5.26 -17.02 -18.16
N SER A 425 -4.71 -16.23 -17.25
CA SER A 425 -5.07 -16.31 -15.84
C SER A 425 -4.67 -15.02 -15.16
N GLY A 426 -5.43 -14.64 -14.13
CA GLY A 426 -5.10 -13.45 -13.38
C GLY A 426 -3.77 -13.55 -12.66
N VAL A 427 -3.33 -14.78 -12.36
CA VAL A 427 -2.02 -14.98 -11.76
C VAL A 427 -0.92 -14.70 -12.77
N ARG A 428 -1.04 -15.25 -13.97
CA ARG A 428 -0.01 -15.05 -15.00
C ARG A 428 0.11 -13.59 -15.39
N ARG A 429 -1.01 -12.85 -15.40
CA ARG A 429 -0.96 -11.44 -15.76
C ARG A 429 -0.29 -10.62 -14.67
N LYS A 430 -0.57 -10.94 -13.40
CA LYS A 430 0.06 -10.21 -12.29
C LYS A 430 1.55 -10.48 -12.24
N VAL A 431 1.98 -11.71 -12.57
CA VAL A 431 3.40 -12.04 -12.57
C VAL A 431 4.12 -11.28 -13.68
N LYS A 432 3.54 -11.29 -14.88
CA LYS A 432 4.14 -10.55 -16.00
C LYS A 432 4.21 -9.06 -15.70
N GLU A 433 3.19 -8.53 -15.03
CA GLU A 433 3.22 -7.12 -14.64
C GLU A 433 4.24 -6.88 -13.53
N MET A 434 4.36 -7.81 -12.58
CA MET A 434 5.34 -7.66 -11.52
C MET A 434 6.76 -7.92 -12.00
N GLN A 435 6.93 -8.64 -13.11
CA GLN A 435 8.28 -8.85 -13.65
C GLN A 435 8.89 -7.54 -14.11
N ASN A 436 8.12 -6.70 -14.81
CA ASN A 436 8.63 -5.42 -15.25
C ASN A 436 8.89 -4.49 -14.07
N LYS A 437 8.03 -4.55 -13.04
CA LYS A 437 8.26 -3.73 -11.85
C LYS A 437 9.51 -4.15 -11.10
N ALA A 438 9.91 -5.41 -11.24
CA ALA A 438 11.14 -5.89 -10.61
C ALA A 438 12.37 -5.39 -11.36
N ARG A 439 12.35 -5.50 -12.69
CA ARG A 439 13.49 -5.07 -13.49
C ARG A 439 13.67 -3.55 -13.45
N SER A 440 12.56 -2.80 -13.35
CA SER A 440 12.67 -1.35 -13.27
C SER A 440 13.22 -0.90 -11.91
N ALA A 441 12.99 -1.68 -10.86
CA ALA A 441 13.48 -1.32 -9.53
C ALA A 441 15.00 -1.33 -9.46
N LEU A 442 15.68 -2.04 -10.34
CA LEU A 442 17.13 -2.10 -10.32
C LEU A 442 17.77 -1.08 -11.25
N LEU A 443 17.09 -0.69 -12.33
CA LEU A 443 17.59 0.36 -13.19
C LEU A 443 17.69 1.68 -12.42
N GLU A 444 18.56 2.56 -12.92
CA GLU A 444 18.78 3.85 -12.27
C GLU A 444 17.46 4.62 -12.17
N GLY A 445 17.17 5.11 -10.98
CA GLY A 445 15.91 5.76 -10.69
C GLY A 445 14.88 4.85 -10.07
N GLY A 446 15.07 3.54 -10.15
CA GLY A 446 14.16 2.61 -9.52
C GLY A 446 14.20 2.68 -8.01
N SER A 447 13.20 2.06 -7.39
CA SER A 447 13.08 2.12 -5.93
C SER A 447 14.30 1.52 -5.26
N SER A 448 14.75 0.35 -5.72
CA SER A 448 15.88 -0.32 -5.09
C SER A 448 17.19 0.37 -5.42
N TYR A 449 17.30 0.97 -6.61
CA TYR A 449 18.49 1.74 -6.95
C TYR A 449 18.67 2.90 -5.98
N ASP A 450 17.59 3.63 -5.69
CA ASP A 450 17.66 4.72 -4.72
C ASP A 450 17.96 4.19 -3.33
N ALA A 451 17.42 3.01 -2.99
CA ALA A 451 17.68 2.43 -1.68
C ALA A 451 19.15 2.06 -1.53
N GLN A 452 19.76 1.55 -2.60
CA GLN A 452 21.19 1.26 -2.55
C GLN A 452 22.01 2.53 -2.37
N CYS A 453 21.66 3.57 -3.13
CA CYS A 453 22.38 4.85 -3.01
C CYS A 453 22.14 5.47 -1.64
N LEU A 454 20.92 5.40 -1.14
CA LEU A 454 20.63 5.95 0.19
C LEU A 454 21.37 5.18 1.27
N PHE A 455 21.52 3.86 1.10
CA PHE A 455 22.24 3.06 2.09
C PHE A 455 23.72 3.43 2.13
N VAL A 456 24.38 3.42 0.97
CA VAL A 456 25.79 3.78 0.90
C VAL A 456 26.00 5.21 1.39
N HIS A 457 25.05 6.10 1.11
CA HIS A 457 25.15 7.47 1.60
C HIS A 457 25.10 7.52 3.13
N ASP A 458 24.18 6.76 3.72
CA ASP A 458 24.03 6.79 5.17
C ASP A 458 25.19 6.08 5.88
N VAL A 459 25.81 5.10 5.23
CA VAL A 459 26.95 4.41 5.82
C VAL A 459 28.11 5.37 5.99
N ILE A 460 28.33 6.24 5.01
CA ILE A 460 29.44 7.19 5.10
C ILE A 460 29.08 8.37 6.01
N ASN A 461 27.81 8.78 6.04
CA ASN A 461 27.42 9.92 6.86
C ASN A 461 27.29 9.57 8.33
N ASN A 462 26.98 8.30 8.65
CA ASN A 462 26.87 7.89 10.05
C ASN A 462 28.22 7.70 10.71
N ILE A 463 29.32 7.81 9.96
CA ILE A 463 30.66 7.65 10.55
C ILE A 463 31.25 8.96 11.05
N GLY A 464 30.64 10.10 10.70
CA GLY A 464 31.13 11.39 11.15
C GLY A 464 32.34 11.88 10.39
N THR B 3 -17.80 -10.37 -21.46
CA THR B 3 -17.12 -10.38 -20.16
C THR B 3 -16.89 -8.95 -19.66
N ASN B 4 -17.05 -7.98 -20.55
CA ASN B 4 -16.84 -6.58 -20.20
C ASN B 4 -18.09 -6.02 -19.52
N VAL B 5 -17.87 -5.22 -18.48
CA VAL B 5 -18.94 -4.61 -17.70
C VAL B 5 -18.77 -3.10 -17.76
N GLU B 6 -19.80 -2.40 -18.22
CA GLU B 6 -19.78 -0.95 -18.33
C GLU B 6 -20.60 -0.33 -17.21
N LEU B 7 -20.07 0.75 -16.62
CA LEU B 7 -20.70 1.44 -15.51
C LEU B 7 -20.95 2.89 -15.90
N VAL B 8 -22.17 3.37 -15.64
CA VAL B 8 -22.58 4.71 -16.03
C VAL B 8 -22.61 5.59 -14.78
N PHE B 9 -21.90 6.72 -14.84
CA PHE B 9 -21.82 7.68 -13.75
C PHE B 9 -22.57 8.95 -14.14
N ILE B 10 -23.37 9.47 -13.23
CA ILE B 10 -24.07 10.73 -13.42
C ILE B 10 -23.76 11.62 -12.22
N PRO B 11 -22.78 12.50 -12.34
CA PRO B 11 -22.50 13.46 -11.26
C PRO B 11 -23.45 14.65 -11.33
N SER B 12 -23.48 15.39 -10.23
CA SER B 12 -24.24 16.63 -10.20
C SER B 12 -23.58 17.66 -11.10
N PRO B 13 -24.35 18.60 -11.65
CA PRO B 13 -23.76 19.63 -12.52
C PRO B 13 -22.68 20.42 -11.79
N GLY B 14 -21.67 20.83 -12.56
CA GLY B 14 -20.57 21.60 -12.00
C GLY B 14 -19.24 20.88 -12.07
N LEU B 15 -18.16 21.64 -12.23
CA LEU B 15 -16.83 21.05 -12.27
C LEU B 15 -16.41 20.46 -10.93
N SER B 16 -16.98 20.97 -9.82
CA SER B 16 -16.60 20.47 -8.50
C SER B 16 -16.99 19.00 -8.34
N HIS B 17 -18.15 18.60 -8.85
CA HIS B 17 -18.62 17.23 -8.72
C HIS B 17 -18.22 16.35 -9.89
N LEU B 18 -17.52 16.90 -10.89
CA LEU B 18 -17.09 16.11 -12.03
C LEU B 18 -15.69 15.55 -11.85
N VAL B 19 -14.75 16.36 -11.35
CA VAL B 19 -13.39 15.87 -11.12
C VAL B 19 -13.37 14.82 -10.01
N SER B 20 -14.19 15.02 -8.97
CA SER B 20 -14.31 14.03 -7.92
C SER B 20 -14.90 12.73 -8.45
N THR B 21 -15.67 12.79 -9.54
CA THR B 21 -16.21 11.60 -10.16
C THR B 21 -15.20 10.96 -11.12
N VAL B 22 -14.38 11.78 -11.78
CA VAL B 22 -13.41 11.24 -12.73
C VAL B 22 -12.25 10.58 -12.00
N GLU B 23 -11.73 11.24 -10.96
CA GLU B 23 -10.61 10.67 -10.21
C GLU B 23 -11.01 9.39 -9.51
N ALA B 24 -12.25 9.31 -9.01
CA ALA B 24 -12.73 8.08 -8.42
C ALA B 24 -12.93 6.99 -9.46
N ALA B 25 -13.31 7.38 -10.68
CA ALA B 25 -13.47 6.39 -11.75
C ALA B 25 -12.13 5.85 -12.20
N LYS B 26 -11.09 6.70 -12.22
CA LYS B 26 -9.77 6.25 -12.64
C LYS B 26 -9.18 5.22 -11.68
N LEU B 27 -9.57 5.29 -10.40
CA LEU B 27 -9.10 4.29 -9.44
C LEU B 27 -9.86 2.98 -9.59
N LEU B 28 -11.15 3.05 -9.92
CA LEU B 28 -11.94 1.84 -10.11
C LEU B 28 -11.50 1.08 -11.36
N LEU B 29 -11.12 1.80 -12.41
CA LEU B 29 -10.66 1.15 -13.63
C LEU B 29 -9.34 0.40 -13.41
N HIS B 30 -8.54 0.84 -12.43
CA HIS B 30 -7.28 0.17 -12.15
C HIS B 30 -7.47 -1.17 -11.45
N ARG B 31 -8.64 -1.40 -10.84
CA ARG B 31 -8.86 -2.62 -10.08
C ARG B 31 -9.22 -3.81 -10.97
N ASP B 32 -9.66 -3.58 -12.21
CA ASP B 32 -10.06 -4.66 -13.09
C ASP B 32 -10.13 -4.12 -14.50
N HIS B 33 -9.40 -4.75 -15.43
CA HIS B 33 -9.49 -4.36 -16.83
C HIS B 33 -10.79 -4.80 -17.49
N ARG B 34 -11.66 -5.50 -16.77
CA ARG B 34 -12.98 -5.85 -17.28
C ARG B 34 -14.01 -4.74 -17.06
N LEU B 35 -13.69 -3.75 -16.22
CA LEU B 35 -14.63 -2.69 -15.90
C LEU B 35 -14.42 -1.49 -16.80
N SER B 36 -15.53 -0.94 -17.29
CA SER B 36 -15.53 0.30 -18.07
C SER B 36 -16.49 1.28 -17.43
N ILE B 37 -16.16 2.57 -17.51
CA ILE B 37 -16.92 3.62 -16.84
C ILE B 37 -17.22 4.71 -17.86
N THR B 38 -18.48 5.13 -17.91
CA THR B 38 -18.93 6.20 -18.79
C THR B 38 -19.58 7.28 -17.93
N VAL B 39 -19.05 8.50 -18.03
CA VAL B 39 -19.54 9.64 -17.26
C VAL B 39 -20.39 10.51 -18.16
N LEU B 40 -21.57 10.89 -17.68
CA LEU B 40 -22.49 11.76 -18.41
C LEU B 40 -22.30 13.19 -17.91
N ILE B 41 -21.98 14.10 -18.83
CA ILE B 41 -21.75 15.50 -18.50
C ILE B 41 -23.07 16.26 -18.64
N THR B 42 -23.53 16.85 -17.53
CA THR B 42 -24.83 17.51 -17.53
C THR B 42 -24.84 18.76 -18.41
N ASN B 43 -23.71 19.48 -18.50
CA ASN B 43 -23.60 20.68 -19.32
C ASN B 43 -22.19 20.71 -19.91
N LEU B 44 -22.02 20.01 -21.04
CA LEU B 44 -20.69 19.87 -21.64
C LEU B 44 -20.30 21.13 -22.42
N HIS B 45 -21.23 21.71 -23.18
CA HIS B 45 -20.92 22.85 -24.02
C HIS B 45 -21.19 24.19 -23.37
N LYS B 46 -22.00 24.22 -22.30
CA LYS B 46 -22.30 25.49 -21.64
C LYS B 46 -21.15 25.95 -20.77
N ASP B 47 -20.58 25.05 -19.97
CA ASP B 47 -19.46 25.38 -19.10
C ASP B 47 -18.16 25.28 -19.90
N THR B 48 -17.39 26.37 -19.91
CA THR B 48 -16.12 26.37 -20.63
C THR B 48 -15.05 25.58 -19.89
N LYS B 49 -14.97 25.75 -18.56
CA LYS B 49 -13.99 25.00 -17.78
C LYS B 49 -14.26 23.50 -17.82
N VAL B 50 -15.54 23.11 -17.92
CA VAL B 50 -15.87 21.69 -18.08
C VAL B 50 -15.53 21.23 -19.49
N GLU B 51 -15.73 22.10 -20.48
CA GLU B 51 -15.39 21.76 -21.86
C GLU B 51 -13.88 21.55 -22.01
N ASN B 52 -13.08 22.36 -21.32
CA ASN B 52 -11.63 22.22 -21.40
C ASN B 52 -11.14 21.01 -20.61
N TYR B 53 -11.79 20.70 -19.48
CA TYR B 53 -11.35 19.57 -18.67
C TYR B 53 -11.65 18.24 -19.35
N THR B 54 -12.86 18.09 -19.89
CA THR B 54 -13.21 16.85 -20.57
C THR B 54 -12.29 16.60 -21.76
N LEU B 55 -11.95 17.66 -22.51
CA LEU B 55 -11.02 17.52 -23.61
C LEU B 55 -9.61 17.24 -23.12
N LYS B 56 -9.22 17.80 -21.98
CA LYS B 56 -7.90 17.54 -21.43
C LYS B 56 -7.75 16.09 -20.97
N THR B 57 -8.84 15.46 -20.53
CA THR B 57 -8.75 14.13 -19.95
C THR B 57 -8.72 13.05 -21.02
N THR B 58 -9.68 13.08 -21.95
CA THR B 58 -9.75 12.04 -22.97
C THR B 58 -8.55 12.09 -23.92
N SER B 59 -8.06 13.30 -24.21
CA SER B 59 -6.93 13.43 -25.12
C SER B 59 -5.62 12.99 -24.48
N ASN B 60 -5.55 12.97 -23.16
CA ASN B 60 -4.32 12.56 -22.48
C ASN B 60 -4.09 11.07 -22.71
N PRO B 61 -2.91 10.66 -23.21
CA PRO B 61 -2.66 9.23 -23.41
C PRO B 61 -2.43 8.47 -22.11
N ASN B 62 -2.34 9.16 -20.97
CA ASN B 62 -2.14 8.48 -19.70
C ASN B 62 -3.44 7.96 -19.10
N THR B 63 -4.55 8.64 -19.37
CA THR B 63 -5.84 8.18 -18.85
C THR B 63 -6.28 6.91 -19.58
N SER B 64 -7.00 6.05 -18.84
CA SER B 64 -7.37 4.75 -19.37
C SER B 64 -8.34 4.91 -20.53
N PRO B 65 -8.21 4.10 -21.60
CA PRO B 65 -9.16 4.17 -22.71
C PRO B 65 -10.55 3.65 -22.36
N ARG B 66 -10.73 3.08 -21.17
CA ARG B 66 -12.04 2.61 -20.72
C ARG B 66 -12.82 3.70 -19.99
N LEU B 67 -12.42 4.96 -20.14
CA LEU B 67 -13.11 6.10 -19.53
C LEU B 67 -13.64 6.99 -20.64
N ARG B 68 -14.96 7.04 -20.79
CA ARG B 68 -15.61 7.82 -21.83
C ARG B 68 -16.55 8.85 -21.22
N PHE B 69 -16.83 9.89 -21.99
CA PHE B 69 -17.73 10.96 -21.59
C PHE B 69 -18.81 11.13 -22.64
N ILE B 70 -20.02 11.45 -22.20
CA ILE B 70 -21.18 11.56 -23.07
C ILE B 70 -21.99 12.78 -22.68
N ASN B 71 -22.41 13.56 -23.67
CA ASN B 71 -23.18 14.77 -23.43
C ASN B 71 -24.57 14.43 -22.91
N LEU B 72 -25.00 15.15 -21.88
CA LEU B 72 -26.38 15.13 -21.39
C LEU B 72 -27.01 16.48 -21.71
N PRO B 73 -27.57 16.67 -22.91
CA PRO B 73 -28.11 17.98 -23.27
C PRO B 73 -29.34 18.34 -22.45
N THR B 74 -29.20 19.34 -21.57
CA THR B 74 -30.29 19.75 -20.71
C THR B 74 -30.82 21.13 -21.11
N SER B 79 -35.85 20.29 -17.79
CA SER B 79 -36.16 20.25 -16.36
C SER B 79 -35.56 18.99 -15.75
N ILE B 80 -36.37 18.21 -15.05
CA ILE B 80 -35.97 16.91 -14.52
C ILE B 80 -36.48 15.76 -15.38
N ASP B 81 -37.77 15.77 -15.72
CA ASP B 81 -38.30 14.70 -16.57
C ASP B 81 -37.78 14.81 -17.99
N SER B 82 -37.43 16.01 -18.43
CA SER B 82 -36.68 16.17 -19.68
C SER B 82 -35.25 15.67 -19.54
N GLN B 83 -34.79 15.44 -18.31
CA GLN B 83 -33.47 14.88 -18.06
C GLN B 83 -33.50 13.37 -17.94
N ILE B 84 -34.52 12.81 -17.26
CA ILE B 84 -34.64 11.35 -17.21
C ILE B 84 -34.87 10.77 -18.60
N ARG B 85 -35.72 11.42 -19.41
CA ARG B 85 -35.95 10.96 -20.77
C ARG B 85 -34.68 11.08 -21.61
N GLN B 86 -33.90 12.15 -21.39
CA GLN B 86 -32.64 12.30 -22.10
C GLN B 86 -31.64 11.23 -21.66
N VAL B 87 -31.63 10.88 -20.38
CA VAL B 87 -30.79 9.79 -19.90
C VAL B 87 -31.21 8.47 -20.53
N ARG B 88 -32.51 8.17 -20.48
CA ARG B 88 -33.02 6.93 -21.06
C ARG B 88 -32.70 6.83 -22.54
N GLU B 89 -32.67 7.96 -23.25
CA GLU B 89 -32.29 7.94 -24.65
C GLU B 89 -30.83 7.50 -24.83
N ILE B 90 -29.98 7.81 -23.86
CA ILE B 90 -28.57 7.45 -23.94
C ILE B 90 -28.32 6.03 -23.44
N VAL B 91 -29.03 5.62 -22.37
CA VAL B 91 -28.86 4.27 -21.84
C VAL B 91 -29.34 3.23 -22.85
N SER B 92 -30.44 3.53 -23.56
CA SER B 92 -30.95 2.60 -24.56
C SER B 92 -29.96 2.40 -25.71
N VAL B 93 -29.18 3.42 -26.04
CA VAL B 93 -28.16 3.28 -27.07
C VAL B 93 -26.95 2.53 -26.52
N LEU B 94 -26.66 2.67 -25.23
CA LEU B 94 -25.49 2.02 -24.64
C LEU B 94 -25.71 0.53 -24.45
N ILE B 95 -26.92 0.13 -24.03
CA ILE B 95 -27.22 -1.30 -23.89
C ILE B 95 -27.25 -1.98 -25.25
N LYS B 96 -27.49 -1.24 -26.33
CA LYS B 96 -27.48 -1.77 -27.68
C LYS B 96 -26.09 -2.21 -28.16
N ASN B 97 -25.09 -2.27 -27.27
CA ASN B 97 -23.75 -2.72 -27.61
C ASN B 97 -23.53 -4.10 -27.02
N PRO B 98 -23.61 -5.17 -27.82
CA PRO B 98 -23.45 -6.52 -27.27
C PRO B 98 -22.04 -6.83 -26.80
N ASP B 99 -21.08 -5.93 -27.01
CA ASP B 99 -19.71 -6.18 -26.54
C ASP B 99 -19.61 -6.07 -25.03
N SER B 100 -20.41 -5.19 -24.42
CA SER B 100 -20.35 -4.95 -22.99
C SER B 100 -21.75 -5.08 -22.38
N LYS B 101 -21.78 -5.53 -21.13
CA LYS B 101 -23.02 -5.63 -20.37
C LYS B 101 -23.07 -4.50 -19.35
N LEU B 102 -24.21 -3.83 -19.29
CA LEU B 102 -24.37 -2.70 -18.38
C LEU B 102 -24.39 -3.18 -16.94
N GLY B 103 -23.42 -2.72 -16.14
CA GLY B 103 -23.33 -3.13 -14.75
C GLY B 103 -24.16 -2.33 -13.78
N GLY B 104 -24.75 -1.22 -14.24
CA GLY B 104 -25.60 -0.39 -13.41
C GLY B 104 -25.27 1.08 -13.56
N LEU B 105 -26.01 1.90 -12.84
CA LEU B 105 -25.86 3.35 -12.85
C LEU B 105 -25.38 3.81 -11.49
N VAL B 106 -24.34 4.64 -11.47
CA VAL B 106 -23.81 5.23 -10.25
C VAL B 106 -24.21 6.70 -10.25
N LEU B 107 -24.99 7.09 -9.25
CA LEU B 107 -25.58 8.42 -9.20
C LEU B 107 -25.03 9.23 -8.04
N ASP B 108 -25.14 10.56 -8.17
CA ASP B 108 -24.81 11.47 -7.11
C ASP B 108 -25.91 11.46 -6.04
N MET B 109 -25.56 11.91 -4.84
CA MET B 109 -26.53 12.00 -3.76
C MET B 109 -27.69 12.94 -4.11
N PHE B 110 -27.50 13.82 -5.09
CA PHE B 110 -28.55 14.68 -5.60
C PHE B 110 -29.15 14.17 -6.90
N CYS B 111 -28.69 13.01 -7.39
CA CYS B 111 -29.14 12.43 -8.65
C CYS B 111 -29.92 11.14 -8.46
N THR B 112 -30.50 10.94 -7.27
CA THR B 112 -31.24 9.70 -6.99
C THR B 112 -32.55 9.61 -7.75
N SER B 113 -32.96 10.68 -8.44
CA SER B 113 -34.17 10.63 -9.26
C SER B 113 -33.99 9.73 -10.48
N PHE B 114 -32.75 9.43 -10.86
CA PHE B 114 -32.48 8.58 -12.01
C PHE B 114 -32.53 7.10 -11.69
N ILE B 115 -32.88 6.73 -10.46
CA ILE B 115 -33.09 5.32 -10.13
C ILE B 115 -34.23 4.75 -10.96
N GLN B 116 -35.22 5.58 -11.29
CA GLN B 116 -36.33 5.15 -12.13
C GLN B 116 -35.87 4.63 -13.49
N VAL B 117 -34.70 5.05 -13.96
CA VAL B 117 -34.14 4.48 -15.17
C VAL B 117 -33.55 3.09 -14.89
N ALA B 118 -32.90 2.94 -13.74
CA ALA B 118 -32.25 1.67 -13.42
C ALA B 118 -33.25 0.54 -13.24
N GLU B 119 -34.44 0.84 -12.70
CA GLU B 119 -35.45 -0.19 -12.50
C GLU B 119 -36.13 -0.59 -13.82
N GLU B 120 -36.17 0.32 -14.80
CA GLU B 120 -36.81 0.00 -16.07
C GLU B 120 -35.92 -0.90 -16.93
N PHE B 121 -34.62 -0.65 -16.93
CA PHE B 121 -33.68 -1.46 -17.71
C PHE B 121 -33.24 -2.72 -16.97
N ALA B 122 -33.78 -2.98 -15.78
CA ALA B 122 -33.43 -4.16 -14.98
C ALA B 122 -31.92 -4.21 -14.70
N ILE B 123 -31.39 -3.10 -14.21
CA ILE B 123 -29.98 -2.99 -13.86
C ILE B 123 -29.85 -2.37 -12.47
N PRO B 124 -28.82 -2.70 -11.70
CA PRO B 124 -28.70 -2.15 -10.34
C PRO B 124 -28.43 -0.65 -10.36
N SER B 125 -28.50 -0.06 -9.17
CA SER B 125 -28.25 1.35 -8.98
C SER B 125 -27.30 1.53 -7.81
N TYR B 126 -26.41 2.52 -7.93
CA TYR B 126 -25.42 2.81 -6.88
C TYR B 126 -25.36 4.31 -6.66
N VAL B 127 -24.82 4.68 -5.51
CA VAL B 127 -24.75 6.09 -5.09
C VAL B 127 -23.31 6.39 -4.69
N PHE B 128 -22.77 7.49 -5.23
CA PHE B 128 -21.44 7.97 -4.87
C PHE B 128 -21.62 9.17 -3.95
N PHE B 129 -21.55 8.92 -2.64
CA PHE B 129 -21.72 9.97 -1.64
C PHE B 129 -20.43 10.76 -1.54
N THR B 130 -20.48 12.04 -1.94
CA THR B 130 -19.27 12.85 -2.01
C THR B 130 -18.78 13.30 -0.64
N SER B 131 -19.64 13.29 0.37
CA SER B 131 -19.26 13.72 1.71
C SER B 131 -18.81 12.52 2.54
N GLY B 132 -18.72 12.70 3.86
CA GLY B 132 -18.20 11.66 4.73
C GLY B 132 -19.27 10.69 5.20
N ALA B 133 -18.81 9.70 5.97
CA ALA B 133 -19.72 8.67 6.48
C ALA B 133 -20.49 9.16 7.69
N SER B 134 -19.83 9.92 8.59
CA SER B 134 -20.54 10.51 9.71
C SER B 134 -21.65 11.43 9.24
N ALA B 135 -21.48 12.05 8.07
CA ALA B 135 -22.58 12.78 7.45
C ALA B 135 -23.68 11.84 7.01
N LEU B 136 -23.35 10.89 6.12
CA LEU B 136 -24.34 9.99 5.56
C LEU B 136 -25.18 9.31 6.64
N GLY B 137 -24.55 8.89 7.74
CA GLY B 137 -25.29 8.31 8.84
C GLY B 137 -26.20 9.32 9.53
N LEU B 138 -25.81 10.59 9.53
CA LEU B 138 -26.62 11.62 10.17
C LEU B 138 -27.85 11.95 9.33
N LEU B 139 -27.69 12.05 8.00
CA LEU B 139 -28.86 12.24 7.15
C LEU B 139 -29.78 11.02 7.22
N GLN B 140 -29.21 9.82 7.29
CA GLN B 140 -30.03 8.62 7.39
C GLN B 140 -30.82 8.59 8.69
N HIS B 141 -30.23 9.09 9.78
CA HIS B 141 -30.94 9.16 11.05
C HIS B 141 -32.02 10.22 11.02
N LEU B 142 -31.70 11.40 10.46
CA LEU B 142 -32.64 12.51 10.48
C LEU B 142 -33.87 12.21 9.63
N VAL B 143 -33.69 11.61 8.46
CA VAL B 143 -34.82 11.24 7.63
C VAL B 143 -35.61 10.10 8.27
N SER B 144 -34.94 9.19 8.97
CA SER B 144 -35.63 8.10 9.64
C SER B 144 -36.49 8.58 10.81
N LEU B 145 -36.20 9.76 11.36
CA LEU B 145 -36.98 10.27 12.48
C LEU B 145 -38.34 10.78 12.04
N LYS B 146 -38.41 11.41 10.86
CA LYS B 146 -39.66 12.00 10.39
C LYS B 146 -40.51 11.05 9.58
N LEU B 147 -39.91 10.31 8.65
CA LEU B 147 -40.66 9.43 7.77
C LEU B 147 -41.09 8.12 8.43
N GLU B 148 -40.59 7.82 9.63
CA GLU B 148 -40.96 6.58 10.33
C GLU B 148 -41.53 6.90 11.71
N HIS B 149 -40.73 7.45 12.63
CA HIS B 149 -41.21 7.78 13.96
C HIS B 149 -42.03 9.06 14.01
N ASN B 150 -42.19 9.74 12.88
CA ASN B 150 -43.01 10.95 12.77
C ASN B 150 -42.60 12.01 13.78
N GLN B 151 -41.50 12.70 13.52
CA GLN B 151 -41.03 13.78 14.39
C GLN B 151 -40.74 14.99 13.53
N ASP B 152 -41.39 16.11 13.86
CA ASP B 152 -41.16 17.37 13.16
C ASP B 152 -39.74 17.85 13.46
N LEU B 153 -38.89 17.88 12.44
CA LEU B 153 -37.48 18.21 12.63
C LEU B 153 -37.26 19.69 12.92
N THR B 154 -38.28 20.53 12.81
CA THR B 154 -38.11 21.95 13.12
C THR B 154 -37.97 22.23 14.61
N GLN B 155 -38.14 21.21 15.46
CA GLN B 155 -37.96 21.42 16.90
C GLN B 155 -36.50 21.58 17.27
N PHE B 156 -35.59 21.03 16.46
CA PHE B 156 -34.16 21.16 16.70
C PHE B 156 -33.60 22.48 16.17
N LYS B 157 -34.43 23.34 15.59
CA LYS B 157 -33.98 24.60 15.00
C LYS B 157 -33.42 25.53 16.07
N ASP B 158 -32.08 25.64 16.12
CA ASP B 158 -31.39 26.53 17.06
C ASP B 158 -31.78 26.22 18.51
N SER B 159 -31.84 24.93 18.83
CA SER B 159 -32.17 24.49 20.17
C SER B 159 -30.89 24.30 20.97
N ASP B 160 -30.97 23.56 22.09
CA ASP B 160 -29.78 23.29 22.90
C ASP B 160 -29.74 21.84 23.37
N VAL B 161 -30.47 20.94 22.72
CA VAL B 161 -30.49 19.55 23.13
C VAL B 161 -29.29 18.81 22.55
N GLU B 162 -28.97 17.66 23.12
CA GLU B 162 -27.88 16.81 22.66
C GLU B 162 -28.51 15.54 22.07
N LEU B 163 -28.33 15.36 20.76
CA LEU B 163 -28.98 14.26 20.06
C LEU B 163 -28.29 12.94 20.37
N SER B 164 -28.95 11.84 19.97
CA SER B 164 -28.43 10.49 20.16
C SER B 164 -28.44 9.80 18.81
N VAL B 165 -27.32 9.88 18.09
CA VAL B 165 -27.17 9.33 16.75
C VAL B 165 -26.28 8.10 16.83
N PRO B 166 -26.65 6.99 16.17
CA PRO B 166 -25.78 5.80 16.24
C PRO B 166 -24.46 5.97 15.52
N CYS B 167 -24.41 6.83 14.50
CA CYS B 167 -23.18 7.08 13.76
C CYS B 167 -22.27 8.12 14.44
N PHE B 168 -22.47 8.37 15.73
CA PHE B 168 -21.67 9.36 16.45
C PHE B 168 -21.42 8.84 17.86
N SER B 169 -20.15 8.80 18.25
CA SER B 169 -19.78 8.32 19.58
C SER B 169 -20.37 9.22 20.65
N VAL B 170 -20.01 10.51 20.64
CA VAL B 170 -20.54 11.46 21.59
C VAL B 170 -21.84 12.04 21.05
N PRO B 171 -22.80 12.33 21.91
CA PRO B 171 -24.05 12.96 21.47
C PRO B 171 -23.76 14.20 20.61
N VAL B 172 -24.73 14.52 19.77
CA VAL B 172 -24.60 15.57 18.76
C VAL B 172 -25.48 16.74 19.17
N PRO B 173 -24.94 17.96 19.25
CA PRO B 173 -25.79 19.13 19.56
C PRO B 173 -26.70 19.47 18.39
N ALA B 174 -27.83 20.09 18.73
CA ALA B 174 -28.80 20.51 17.72
C ALA B 174 -28.37 21.76 16.96
N LYS B 175 -27.21 22.33 17.29
CA LYS B 175 -26.71 23.51 16.61
C LYS B 175 -25.74 23.19 15.48
N VAL B 176 -25.29 21.94 15.38
CA VAL B 176 -24.36 21.53 14.33
C VAL B 176 -25.05 20.77 13.21
N LEU B 177 -26.35 20.51 13.33
CA LEU B 177 -27.07 19.84 12.27
C LEU B 177 -27.16 20.73 11.04
N PRO B 178 -27.13 20.15 9.85
CA PRO B 178 -27.31 20.95 8.63
C PRO B 178 -28.61 21.76 8.69
N ALA B 179 -28.51 23.03 8.29
CA ALA B 179 -29.65 23.93 8.38
C ALA B 179 -30.78 23.51 7.45
N VAL B 180 -30.47 22.89 6.31
CA VAL B 180 -31.51 22.47 5.38
C VAL B 180 -32.35 21.34 5.94
N MET B 181 -31.82 20.57 6.90
CA MET B 181 -32.57 19.44 7.45
C MET B 181 -33.66 19.89 8.42
N VAL B 182 -33.44 20.98 9.15
CA VAL B 182 -34.35 21.41 10.19
C VAL B 182 -35.06 22.72 9.81
N GLU B 183 -35.02 23.09 8.54
CA GLU B 183 -35.67 24.33 8.11
C GLU B 183 -37.17 24.11 7.87
N GLY B 184 -37.50 23.32 6.85
CA GLY B 184 -38.89 23.04 6.51
C GLY B 184 -39.30 23.71 5.21
N GLY B 185 -40.57 23.51 4.88
CA GLY B 185 -41.16 24.09 3.69
C GLY B 185 -40.65 23.44 2.42
N PRO B 186 -40.44 24.26 1.38
CA PRO B 186 -39.95 23.70 0.11
C PRO B 186 -38.51 23.23 0.16
N ILE B 187 -37.71 23.77 1.09
CA ILE B 187 -36.30 23.38 1.17
C ILE B 187 -36.19 21.93 1.67
N GLU B 188 -36.81 21.64 2.82
CA GLU B 188 -36.69 20.31 3.41
C GLU B 188 -37.20 19.23 2.47
N ASP B 189 -38.43 19.38 1.98
CA ASP B 189 -39.03 18.35 1.13
C ASP B 189 -38.20 18.11 -0.14
N THR B 190 -37.50 19.13 -0.62
CA THR B 190 -36.65 18.95 -1.79
C THR B 190 -35.46 18.05 -1.47
N PHE B 191 -34.91 18.16 -0.27
CA PHE B 191 -33.75 17.36 0.12
C PHE B 191 -34.14 15.97 0.61
N MET B 192 -35.36 15.81 1.13
CA MET B 192 -35.79 14.49 1.58
C MET B 192 -36.03 13.56 0.38
N ASN B 193 -36.62 14.09 -0.69
CA ASN B 193 -36.85 13.29 -1.89
C ASN B 193 -35.54 12.77 -2.48
N TYR B 194 -34.42 13.43 -2.21
CA TYR B 194 -33.12 12.95 -2.68
C TYR B 194 -32.59 11.84 -1.79
N PHE B 195 -32.49 12.11 -0.49
CA PHE B 195 -31.82 11.18 0.43
C PHE B 195 -32.68 9.99 0.83
N LYS B 196 -34.00 10.08 0.66
CA LYS B 196 -34.87 8.96 1.03
C LYS B 196 -34.71 7.79 0.07
N ARG B 197 -34.45 8.06 -1.21
CA ARG B 197 -34.32 7.01 -2.21
C ARG B 197 -32.99 6.26 -2.11
N ILE B 198 -32.09 6.69 -1.24
CA ILE B 198 -30.74 6.13 -1.16
C ILE B 198 -30.74 4.69 -0.66
N PRO B 199 -31.43 4.34 0.46
CA PRO B 199 -31.36 2.95 0.95
C PRO B 199 -32.07 1.94 0.07
N GLU B 200 -32.50 2.36 -1.13
CA GLU B 200 -33.16 1.46 -2.06
C GLU B 200 -32.23 1.01 -3.19
N THR B 201 -30.95 1.34 -3.11
CA THR B 201 -29.99 0.98 -4.15
C THR B 201 -29.29 -0.32 -3.76
N ARG B 202 -28.17 -0.62 -4.43
CA ARG B 202 -27.43 -1.86 -4.18
C ARG B 202 -26.02 -1.59 -3.66
N GLY B 203 -25.68 -0.35 -3.35
CA GLY B 203 -24.36 -0.02 -2.86
C GLY B 203 -24.10 1.47 -2.79
N ILE B 204 -23.28 1.89 -1.84
CA ILE B 204 -22.98 3.30 -1.61
C ILE B 204 -21.48 3.48 -1.54
N MET B 205 -20.94 4.34 -2.41
CA MET B 205 -19.53 4.71 -2.37
C MET B 205 -19.38 6.00 -1.58
N VAL B 206 -18.60 5.97 -0.52
CA VAL B 206 -18.40 7.11 0.37
C VAL B 206 -16.99 7.63 0.18
N ASN B 207 -16.86 8.96 0.11
CA ASN B 207 -15.56 9.61 -0.08
C ASN B 207 -14.86 9.80 1.27
N THR B 208 -14.42 8.68 1.83
CA THR B 208 -13.69 8.67 3.09
C THR B 208 -12.97 7.34 3.23
N PHE B 209 -12.08 7.26 4.20
CA PHE B 209 -11.38 6.03 4.51
C PHE B 209 -11.78 5.54 5.90
N TYR B 210 -11.50 4.25 6.15
CA TYR B 210 -12.02 3.60 7.35
C TYR B 210 -11.46 4.23 8.63
N GLU B 211 -10.17 4.56 8.62
CA GLU B 211 -9.55 5.09 9.84
C GLU B 211 -10.17 6.42 10.25
N LEU B 212 -10.65 7.21 9.30
CA LEU B 212 -11.13 8.55 9.62
C LEU B 212 -12.43 8.49 10.42
N GLU B 213 -13.39 7.69 9.98
CA GLU B 213 -14.72 7.63 10.59
C GLU B 213 -15.11 6.18 10.88
N SER B 214 -14.24 5.47 11.60
CA SER B 214 -14.45 4.03 11.81
C SER B 214 -15.74 3.75 12.56
N PHE B 215 -16.09 4.60 13.53
CA PHE B 215 -17.32 4.38 14.29
C PHE B 215 -18.55 4.56 13.41
N ALA B 216 -18.51 5.51 12.48
CA ALA B 216 -19.69 5.77 11.64
C ALA B 216 -19.92 4.66 10.63
N ILE B 217 -18.85 4.09 10.08
CA ILE B 217 -19.00 3.02 9.10
C ILE B 217 -19.47 1.74 9.80
N GLN B 218 -19.01 1.49 11.02
CA GLN B 218 -19.46 0.30 11.74
C GLN B 218 -20.96 0.38 12.06
N SER B 219 -21.48 1.60 12.22
CA SER B 219 -22.92 1.75 12.42
C SER B 219 -23.69 1.56 11.11
N LEU B 220 -23.13 2.04 10.00
CA LEU B 220 -23.78 1.83 8.71
C LEU B 220 -23.69 0.39 8.25
N LEU B 221 -22.63 -0.33 8.67
CA LEU B 221 -22.48 -1.72 8.29
C LEU B 221 -23.31 -2.64 9.17
N SER B 222 -23.55 -2.26 10.43
CA SER B 222 -24.34 -3.10 11.32
C SER B 222 -25.78 -3.24 10.84
N ASP B 223 -26.29 -2.23 10.14
CA ASP B 223 -27.61 -2.32 9.52
C ASP B 223 -27.53 -3.24 8.31
N ALA B 224 -27.69 -4.55 8.54
CA ALA B 224 -27.60 -5.52 7.46
C ALA B 224 -28.72 -5.36 6.44
N LYS B 225 -29.80 -4.68 6.80
CA LYS B 225 -30.90 -4.41 5.88
C LYS B 225 -30.67 -3.16 5.03
N ALA B 226 -29.48 -2.56 5.12
CA ALA B 226 -29.13 -1.36 4.39
C ALA B 226 -28.12 -1.68 3.28
N PRO B 227 -28.03 -0.84 2.25
CA PRO B 227 -27.03 -1.09 1.20
C PRO B 227 -25.61 -1.04 1.76
N LYS B 228 -24.73 -1.83 1.14
CA LYS B 228 -23.35 -1.90 1.58
C LYS B 228 -22.62 -0.61 1.24
N VAL B 229 -21.86 -0.09 2.20
CA VAL B 229 -21.06 1.11 1.99
C VAL B 229 -19.65 0.70 1.60
N TYR B 230 -18.98 1.57 0.85
CA TYR B 230 -17.63 1.31 0.36
C TYR B 230 -16.78 2.56 0.56
N PRO B 231 -16.04 2.66 1.67
CA PRO B 231 -15.17 3.82 1.88
C PRO B 231 -14.01 3.83 0.89
N VAL B 232 -14.13 4.60 -0.18
CA VAL B 232 -13.13 4.64 -1.23
C VAL B 232 -12.32 5.92 -1.21
N GLY B 233 -12.50 6.76 -0.19
CA GLY B 233 -11.76 8.00 -0.08
C GLY B 233 -10.36 7.78 0.42
N PRO B 234 -9.56 8.86 0.42
CA PRO B 234 -9.96 10.20 -0.01
C PRO B 234 -9.84 10.40 -1.53
N ILE B 235 -10.86 10.99 -2.14
CA ILE B 235 -10.85 11.34 -3.55
C ILE B 235 -10.63 12.84 -3.67
N LEU B 236 -9.53 13.23 -4.31
CA LEU B 236 -9.15 14.63 -4.45
C LEU B 236 -9.13 15.02 -5.91
N GLY B 237 -9.30 16.32 -6.16
CA GLY B 237 -9.43 16.82 -7.52
C GLY B 237 -8.16 17.35 -8.13
N PHE B 238 -7.17 16.48 -8.31
CA PHE B 238 -5.95 16.83 -9.04
C PHE B 238 -5.17 15.58 -9.43
N ASP B 248 3.59 30.45 -9.95
CA ASP B 248 4.91 30.98 -9.62
C ASP B 248 4.81 32.13 -8.63
N ALA B 249 3.86 33.04 -8.88
CA ALA B 249 3.70 34.22 -8.03
C ALA B 249 3.34 33.87 -6.59
N ILE B 250 2.77 32.69 -6.36
CA ILE B 250 2.43 32.26 -5.01
C ILE B 250 3.58 31.51 -4.36
N LYS B 251 4.28 30.66 -5.13
CA LYS B 251 5.37 29.88 -4.57
C LYS B 251 6.57 30.75 -4.22
N LYS B 252 6.78 31.85 -4.94
CA LYS B 252 7.94 32.69 -4.67
C LYS B 252 7.83 33.38 -3.32
N TRP B 253 6.62 33.83 -2.95
CA TRP B 253 6.45 34.45 -1.64
C TRP B 253 6.59 33.43 -0.52
N LEU B 254 5.99 32.25 -0.69
CA LEU B 254 5.95 31.26 0.37
C LEU B 254 7.32 30.68 0.68
N ASP B 255 8.30 30.84 -0.22
CA ASP B 255 9.63 30.28 0.01
C ASP B 255 10.44 31.10 1.01
N ASP B 256 10.06 32.37 1.24
CA ASP B 256 10.82 33.25 2.13
C ASP B 256 10.56 32.99 3.61
N GLN B 257 9.69 32.04 3.94
CA GLN B 257 9.31 31.76 5.31
C GLN B 257 9.68 30.33 5.69
N PRO B 258 9.90 30.05 6.99
CA PRO B 258 10.30 28.69 7.37
C PRO B 258 9.15 27.70 7.32
N GLU B 259 9.38 26.49 7.79
CA GLU B 259 8.37 25.44 7.75
C GLU B 259 7.31 25.68 8.81
N ASN B 260 6.07 25.34 8.47
CA ASN B 260 4.93 25.43 9.39
C ASN B 260 4.76 26.85 9.93
N SER B 261 4.95 27.84 9.07
CA SER B 261 4.90 29.23 9.46
C SER B 261 3.67 29.95 8.94
N VAL B 262 3.35 29.80 7.66
CA VAL B 262 2.23 30.51 7.06
C VAL B 262 0.92 29.81 7.40
N VAL B 263 -0.11 30.59 7.67
CA VAL B 263 -1.46 30.07 7.86
C VAL B 263 -2.28 30.42 6.63
N PHE B 264 -3.22 29.53 6.30
CA PHE B 264 -4.05 29.68 5.11
C PHE B 264 -5.51 29.90 5.52
N LEU B 265 -6.17 30.83 4.83
CA LEU B 265 -7.56 31.19 5.13
C LEU B 265 -8.36 31.16 3.84
N CYS B 266 -9.02 30.03 3.57
CA CYS B 266 -9.90 29.87 2.42
C CYS B 266 -11.23 29.34 2.91
N PHE B 267 -12.32 29.86 2.34
CA PHE B 267 -13.66 29.58 2.83
C PHE B 267 -14.56 29.08 1.71
N GLY B 268 -14.03 28.23 0.83
CA GLY B 268 -14.85 27.55 -0.15
C GLY B 268 -15.28 28.42 -1.32
N THR B 269 -16.19 27.86 -2.11
CA THR B 269 -16.68 28.50 -3.33
C THR B 269 -17.86 29.44 -3.10
N MET B 270 -18.48 29.40 -1.92
CA MET B 270 -19.63 30.25 -1.61
C MET B 270 -19.59 30.69 -0.16
N GLY B 271 -18.41 31.05 0.33
CA GLY B 271 -18.26 31.50 1.70
C GLY B 271 -17.81 32.94 1.81
N SER B 272 -18.75 33.87 1.69
CA SER B 272 -18.45 35.30 1.74
C SER B 272 -18.82 35.83 3.12
N PHE B 273 -17.83 36.38 3.82
CA PHE B 273 -18.06 36.98 5.12
C PHE B 273 -18.65 38.38 4.97
N CYS B 274 -19.28 38.85 6.04
CA CYS B 274 -19.72 40.24 6.09
C CYS B 274 -18.54 41.15 6.42
N GLU B 275 -18.67 42.41 6.02
CA GLU B 275 -17.58 43.36 6.22
C GLU B 275 -17.24 43.58 7.68
N GLY B 276 -18.18 43.30 8.59
CA GLY B 276 -17.90 43.41 10.01
C GLY B 276 -17.06 42.25 10.52
N GLN B 277 -17.37 41.03 10.06
CA GLN B 277 -16.58 39.87 10.45
C GLN B 277 -15.23 39.85 9.74
N VAL B 278 -15.16 40.39 8.52
CA VAL B 278 -13.89 40.47 7.80
C VAL B 278 -12.87 41.27 8.60
N LYS B 279 -13.31 42.41 9.16
CA LYS B 279 -12.42 43.21 9.99
C LYS B 279 -12.06 42.53 11.30
N GLU B 280 -12.88 41.56 11.75
CA GLU B 280 -12.55 40.84 12.97
C GLU B 280 -11.41 39.84 12.74
N ILE B 281 -11.43 39.14 11.61
CA ILE B 281 -10.33 38.24 11.28
C ILE B 281 -9.05 39.03 11.07
N ALA B 282 -9.15 40.21 10.44
CA ALA B 282 -7.98 41.03 10.22
C ALA B 282 -7.43 41.58 11.53
N MET B 283 -8.31 41.92 12.48
CA MET B 283 -7.85 42.38 13.78
C MET B 283 -7.10 41.28 14.52
N ALA B 284 -7.49 40.02 14.29
CA ALA B 284 -6.78 38.90 14.90
C ALA B 284 -5.45 38.65 14.22
N LEU B 285 -5.41 38.72 12.89
CA LEU B 285 -4.18 38.42 12.16
C LEU B 285 -3.09 39.43 12.47
N GLU B 286 -3.45 40.69 12.75
CA GLU B 286 -2.46 41.67 13.17
C GLU B 286 -2.01 41.41 14.61
N LYS B 287 -2.98 41.29 15.53
CA LYS B 287 -2.65 40.90 16.90
C LYS B 287 -2.02 39.52 16.97
N SER B 288 -2.14 38.71 15.92
CA SER B 288 -1.45 37.42 15.88
C SER B 288 0.03 37.60 15.64
N GLY B 289 0.42 38.60 14.85
CA GLY B 289 1.79 38.72 14.40
C GLY B 289 2.31 37.54 13.61
N ASN B 290 1.49 36.55 13.32
CA ASN B 290 1.88 35.35 12.59
C ASN B 290 1.77 35.59 11.09
N ARG B 291 2.57 34.86 10.33
CA ARG B 291 2.53 34.95 8.87
C ARG B 291 1.24 34.32 8.36
N PHE B 292 0.66 34.92 7.31
CA PHE B 292 -0.63 34.46 6.83
C PHE B 292 -0.75 34.67 5.32
N LEU B 293 -1.59 33.84 4.70
CA LEU B 293 -2.04 34.03 3.32
C LEU B 293 -3.55 33.95 3.32
N TRP B 294 -4.22 35.03 2.91
CA TRP B 294 -5.65 35.16 3.04
C TRP B 294 -6.32 35.11 1.67
N SER B 295 -7.33 34.27 1.53
CA SER B 295 -8.17 34.23 0.34
C SER B 295 -9.51 34.87 0.70
N LEU B 296 -9.73 36.08 0.19
CA LEU B 296 -10.87 36.90 0.57
C LEU B 296 -11.73 37.20 -0.66
N ARG B 297 -13.02 36.92 -0.56
CA ARG B 297 -13.96 37.20 -1.64
C ARG B 297 -15.19 37.92 -1.10
N ASN B 309 -10.93 48.56 -3.25
CA ASN B 309 -11.46 47.21 -3.26
C ASN B 309 -11.30 46.54 -1.89
N TYR B 310 -10.13 45.94 -1.68
CA TYR B 310 -9.87 45.26 -0.41
C TYR B 310 -9.81 46.26 0.75
N GLU B 311 -9.22 47.43 0.51
CA GLU B 311 -9.13 48.45 1.56
C GLU B 311 -10.47 49.09 1.88
N GLU B 312 -11.52 48.80 1.11
CA GLU B 312 -12.86 49.27 1.40
C GLU B 312 -13.66 48.27 2.24
N VAL B 313 -13.18 47.03 2.37
CA VAL B 313 -13.82 46.06 3.24
C VAL B 313 -12.93 45.66 4.42
N LEU B 314 -11.64 45.96 4.38
CA LEU B 314 -10.68 45.69 5.43
C LEU B 314 -10.46 46.93 6.29
N PRO B 315 -9.89 46.78 7.48
CA PRO B 315 -9.58 47.96 8.30
C PRO B 315 -8.59 48.88 7.58
N GLN B 316 -8.50 50.11 8.09
CA GLN B 316 -7.63 51.11 7.49
C GLN B 316 -6.16 50.72 7.66
N GLY B 317 -5.41 50.75 6.57
CA GLY B 317 -3.99 50.45 6.62
C GLY B 317 -3.65 49.06 7.07
N PHE B 318 -4.57 48.10 6.94
CA PHE B 318 -4.27 46.73 7.36
C PHE B 318 -3.24 46.08 6.45
N LEU B 319 -3.32 46.36 5.15
CA LEU B 319 -2.37 45.76 4.21
C LEU B 319 -0.99 46.37 4.36
N GLU B 320 -0.91 47.68 4.63
CA GLU B 320 0.38 48.34 4.80
C GLU B 320 1.08 47.88 6.07
N ARG B 321 0.32 47.68 7.15
CA ARG B 321 0.90 47.19 8.39
C ARG B 321 1.24 45.71 8.31
N THR B 322 0.67 44.98 7.35
CA THR B 322 0.96 43.58 7.14
C THR B 322 1.56 43.35 5.75
N LYS B 323 2.53 44.20 5.38
CA LYS B 323 3.11 44.12 4.05
C LYS B 323 3.98 42.88 3.91
N GLY B 324 4.97 42.71 4.79
CA GLY B 324 5.88 41.59 4.69
C GLY B 324 5.42 40.35 5.41
N VAL B 325 4.61 40.52 6.46
CA VAL B 325 4.21 39.38 7.26
C VAL B 325 3.06 38.60 6.61
N GLY B 326 2.24 39.27 5.79
CA GLY B 326 1.09 38.61 5.19
C GLY B 326 0.81 39.07 3.78
N LYS B 327 -0.15 38.40 3.15
CA LYS B 327 -0.61 38.72 1.81
C LYS B 327 -2.10 38.44 1.72
N VAL B 328 -2.75 39.07 0.75
CA VAL B 328 -4.19 38.96 0.54
C VAL B 328 -4.47 38.83 -0.95
N MET B 329 -5.35 37.91 -1.31
CA MET B 329 -5.64 37.63 -2.71
C MET B 329 -7.08 37.14 -2.83
N GLY B 330 -7.43 36.60 -4.00
CA GLY B 330 -8.77 36.11 -4.25
C GLY B 330 -8.86 34.60 -4.28
N TRP B 331 -9.40 34.04 -5.37
CA TRP B 331 -9.52 32.59 -5.51
C TRP B 331 -8.14 31.96 -5.65
N ALA B 332 -7.75 31.15 -4.67
CA ALA B 332 -6.43 30.55 -4.65
C ALA B 332 -6.50 29.06 -4.96
N PRO B 333 -5.49 28.53 -5.66
CA PRO B 333 -5.40 27.07 -5.81
C PRO B 333 -5.21 26.39 -4.47
N GLN B 334 -6.32 25.94 -3.87
CA GLN B 334 -6.28 25.42 -2.51
C GLN B 334 -5.42 24.16 -2.42
N ALA B 335 -5.40 23.34 -3.48
CA ALA B 335 -4.60 22.12 -3.44
C ALA B 335 -3.11 22.43 -3.45
N ALA B 336 -2.70 23.46 -4.19
CA ALA B 336 -1.29 23.78 -4.30
C ALA B 336 -0.77 24.48 -3.04
N VAL B 337 -1.56 25.39 -2.47
CA VAL B 337 -1.13 26.13 -1.29
C VAL B 337 -0.97 25.20 -0.10
N LEU B 338 -1.88 24.24 0.04
CA LEU B 338 -1.83 23.33 1.19
C LEU B 338 -0.60 22.44 1.16
N SER B 339 -0.05 22.18 -0.03
CA SER B 339 1.11 21.29 -0.14
C SER B 339 2.43 22.00 0.11
N HIS B 340 2.45 23.33 0.06
CA HIS B 340 3.69 24.06 0.28
C HIS B 340 4.16 23.86 1.71
N PRO B 341 5.44 23.52 1.93
CA PRO B 341 5.90 23.27 3.31
C PRO B 341 5.84 24.49 4.21
N ALA B 342 5.73 25.69 3.65
CA ALA B 342 5.60 26.89 4.48
C ALA B 342 4.25 26.95 5.17
N VAL B 343 3.20 26.41 4.55
CA VAL B 343 1.87 26.42 5.13
C VAL B 343 1.79 25.36 6.21
N GLY B 344 1.53 25.79 7.44
CA GLY B 344 1.38 24.88 8.55
C GLY B 344 0.03 25.02 9.25
N GLY B 345 -0.83 25.85 8.70
CA GLY B 345 -2.15 26.07 9.25
C GLY B 345 -3.15 26.42 8.17
N PHE B 346 -4.39 25.99 8.37
CA PHE B 346 -5.45 26.20 7.40
C PHE B 346 -6.73 26.58 8.14
N VAL B 347 -7.11 27.84 8.05
CA VAL B 347 -8.39 28.29 8.59
C VAL B 347 -9.43 28.12 7.49
N SER B 348 -10.29 27.11 7.63
CA SER B 348 -11.19 26.71 6.56
C SER B 348 -12.63 26.70 7.05
N HIS B 349 -13.54 26.68 6.09
CA HIS B 349 -14.97 26.54 6.34
C HIS B 349 -15.36 25.09 6.64
N CYS B 350 -14.40 24.17 6.65
CA CYS B 350 -14.61 22.77 7.02
C CYS B 350 -15.51 22.04 6.00
N GLY B 351 -15.37 22.39 4.73
CA GLY B 351 -15.95 21.57 3.69
C GLY B 351 -15.23 20.24 3.60
N TRP B 352 -15.96 19.21 3.13
CA TRP B 352 -15.38 17.87 3.13
C TRP B 352 -14.22 17.76 2.16
N ASN B 353 -14.35 18.32 0.96
CA ASN B 353 -13.23 18.32 0.02
C ASN B 353 -12.08 19.18 0.52
N SER B 354 -12.38 20.24 1.27
CA SER B 354 -11.32 21.03 1.89
C SER B 354 -10.70 20.29 3.08
N THR B 355 -11.51 19.50 3.79
CA THR B 355 -10.99 18.76 4.93
C THR B 355 -10.02 17.67 4.48
N LEU B 356 -10.40 16.89 3.47
CA LEU B 356 -9.51 15.85 2.97
C LEU B 356 -8.27 16.43 2.32
N GLU B 357 -8.40 17.59 1.65
CA GLU B 357 -7.23 18.24 1.07
C GLU B 357 -6.27 18.69 2.16
N SER B 358 -6.80 19.27 3.25
CA SER B 358 -5.95 19.68 4.36
C SER B 358 -5.38 18.47 5.10
N LEU B 359 -6.12 17.37 5.13
CA LEU B 359 -5.63 16.16 5.78
C LEU B 359 -4.62 15.42 4.92
N TRP B 360 -4.73 15.52 3.59
CA TRP B 360 -3.82 14.82 2.70
C TRP B 360 -2.41 15.39 2.79
N PHE B 361 -2.29 16.71 2.95
CA PHE B 361 -1.00 17.38 2.99
C PHE B 361 -0.51 17.63 4.42
N GLY B 362 -1.15 17.02 5.41
CA GLY B 362 -0.70 17.14 6.79
C GLY B 362 -0.74 18.55 7.34
N VAL B 363 -1.80 19.30 7.03
CA VAL B 363 -1.98 20.66 7.50
C VAL B 363 -3.18 20.68 8.44
N PRO B 364 -3.01 21.03 9.70
CA PRO B 364 -4.16 21.07 10.62
C PRO B 364 -5.06 22.26 10.32
N MET B 365 -6.30 22.15 10.79
CA MET B 365 -7.35 23.09 10.45
C MET B 365 -7.83 23.85 11.68
N ALA B 366 -8.26 25.09 11.45
CA ALA B 366 -8.97 25.90 12.43
C ALA B 366 -10.42 25.97 11.98
N THR B 367 -11.32 25.36 12.76
CA THR B 367 -12.69 25.14 12.30
C THR B 367 -13.47 26.45 12.31
N PHE B 368 -13.87 26.89 11.12
CA PHE B 368 -14.72 28.07 10.95
C PHE B 368 -15.84 27.72 9.97
N PRO B 369 -16.76 26.84 10.37
CA PRO B 369 -17.79 26.38 9.43
C PRO B 369 -18.77 27.48 9.07
N LEU B 370 -19.45 27.29 7.93
CA LEU B 370 -20.32 28.31 7.39
C LEU B 370 -21.70 27.77 7.03
N TYR B 371 -21.77 26.87 6.04
CA TYR B 371 -23.04 26.40 5.51
C TYR B 371 -22.98 24.89 5.31
N ALA B 372 -24.09 24.33 4.86
CA ALA B 372 -24.23 22.91 4.50
C ALA B 372 -23.87 22.05 5.72
N GLU B 373 -23.21 20.91 5.53
CA GLU B 373 -22.84 20.02 6.62
C GLU B 373 -21.54 20.42 7.31
N GLN B 374 -21.00 21.61 7.00
CA GLN B 374 -19.71 22.00 7.53
C GLN B 374 -19.73 22.15 9.05
N GLN B 375 -20.88 22.45 9.64
CA GLN B 375 -20.97 22.51 11.09
C GLN B 375 -20.76 21.13 11.70
N MET B 376 -21.36 20.10 11.11
CA MET B 376 -21.14 18.74 11.59
C MET B 376 -19.73 18.26 11.26
N ASN B 377 -19.18 18.68 10.12
CA ASN B 377 -17.81 18.31 9.77
C ASN B 377 -16.83 18.87 10.78
N ALA B 378 -17.03 20.11 11.22
CA ALA B 378 -16.17 20.68 12.26
C ALA B 378 -16.36 19.97 13.59
N PHE B 379 -17.61 19.70 13.96
CA PHE B 379 -17.88 18.98 15.20
C PHE B 379 -17.23 17.61 15.23
N LEU B 380 -17.14 16.96 14.06
CA LEU B 380 -16.46 15.66 13.99
C LEU B 380 -14.96 15.82 14.15
N LEU B 381 -14.38 16.89 13.61
CA LEU B 381 -12.93 17.05 13.62
C LEU B 381 -12.39 17.45 14.99
N VAL B 382 -13.22 18.02 15.86
CA VAL B 382 -12.77 18.55 17.15
C VAL B 382 -13.31 17.72 18.32
N LYS B 383 -14.63 17.72 18.51
CA LYS B 383 -15.21 17.14 19.71
C LYS B 383 -15.02 15.62 19.75
N GLU B 384 -15.57 14.92 18.75
CA GLU B 384 -15.55 13.46 18.76
C GLU B 384 -14.15 12.89 18.51
N GLU B 385 -13.27 13.63 17.84
CA GLU B 385 -12.06 13.03 17.32
C GLU B 385 -10.81 13.86 17.58
N GLY B 386 -10.87 15.16 17.31
CA GLY B 386 -9.81 16.06 17.73
C GLY B 386 -8.57 16.13 16.86
N MET B 387 -8.69 16.61 15.63
CA MET B 387 -7.54 16.97 14.81
C MET B 387 -7.70 18.36 14.20
N ALA B 388 -8.37 19.26 14.91
CA ALA B 388 -8.58 20.61 14.38
C ALA B 388 -8.86 21.55 15.55
N GLU B 389 -8.12 22.64 15.62
CA GLU B 389 -8.39 23.66 16.62
C GLU B 389 -9.72 24.34 16.32
N MET B 390 -10.38 24.82 17.37
CA MET B 390 -11.76 25.28 17.30
C MET B 390 -11.80 26.80 17.35
N ILE B 391 -12.38 27.40 16.31
CA ILE B 391 -12.82 28.80 16.38
C ILE B 391 -14.28 28.88 16.77
N THR B 392 -15.12 28.10 16.09
CA THR B 392 -16.54 27.99 16.41
C THR B 392 -17.06 26.69 15.81
N LEU B 393 -18.17 26.20 16.35
CA LEU B 393 -18.81 24.99 15.86
C LEU B 393 -20.23 25.20 15.38
N ASP B 394 -20.86 26.32 15.71
CA ASP B 394 -22.26 26.56 15.36
C ASP B 394 -22.42 27.76 14.42
N TYR B 395 -21.34 28.21 13.80
CA TYR B 395 -21.41 29.36 12.90
C TYR B 395 -22.23 29.02 11.67
N LYS B 396 -23.19 29.89 11.34
CA LYS B 396 -24.04 29.70 10.17
C LYS B 396 -24.05 30.98 9.33
N ILE B 397 -24.06 30.79 8.02
CA ILE B 397 -24.14 31.89 7.06
C ILE B 397 -25.58 31.95 6.54
N ASP B 398 -26.01 33.15 6.15
CA ASP B 398 -27.38 33.42 5.72
C ASP B 398 -28.35 33.26 6.88
N GLN B 404 -28.88 37.02 9.26
CA GLN B 404 -28.71 36.90 10.70
C GLN B 404 -27.24 36.65 11.05
N PRO B 405 -26.43 37.71 11.03
CA PRO B 405 -25.01 37.55 11.32
C PRO B 405 -24.76 37.14 12.77
N GLU B 406 -23.58 36.57 12.99
CA GLU B 406 -23.18 36.00 14.28
C GLU B 406 -21.66 36.16 14.38
N ILE B 407 -21.21 37.41 14.51
CA ILE B 407 -19.79 37.74 14.41
C ILE B 407 -19.00 37.02 15.50
N VAL B 408 -17.95 36.31 15.09
CA VAL B 408 -17.01 35.72 16.04
C VAL B 408 -15.99 36.78 16.43
N GLY B 409 -15.78 36.93 17.74
CA GLY B 409 -14.83 37.92 18.20
C GLY B 409 -13.42 37.60 17.75
N SER B 410 -12.62 38.65 17.61
CA SER B 410 -11.23 38.51 17.19
C SER B 410 -10.31 38.03 18.29
N ASP B 411 -10.83 37.83 19.51
CA ASP B 411 -10.06 37.20 20.57
C ASP B 411 -10.14 35.69 20.51
N GLU B 412 -11.25 35.14 20.01
CA GLU B 412 -11.34 33.70 19.79
C GLU B 412 -10.61 33.28 18.52
N ILE B 413 -10.62 34.12 17.49
CA ILE B 413 -9.85 33.85 16.29
C ILE B 413 -8.35 33.92 16.58
N GLU B 414 -7.94 34.89 17.40
CA GLU B 414 -6.53 35.01 17.76
C GLU B 414 -6.09 33.87 18.67
N ALA B 415 -6.98 33.41 19.56
CA ALA B 415 -6.62 32.35 20.49
C ALA B 415 -6.47 31.01 19.76
N ALA B 416 -7.32 30.76 18.77
CA ALA B 416 -7.24 29.51 18.04
C ALA B 416 -6.09 29.49 17.04
N ILE B 417 -5.71 30.66 16.50
CA ILE B 417 -4.58 30.71 15.58
C ILE B 417 -3.28 30.37 16.31
N ARG B 418 -3.17 30.76 17.58
CA ARG B 418 -2.00 30.38 18.37
C ARG B 418 -1.97 28.87 18.61
N ARG B 419 -3.08 28.30 19.08
CA ARG B 419 -3.12 26.87 19.38
C ARG B 419 -2.84 26.04 18.13
N LEU B 420 -3.18 26.57 16.95
CA LEU B 420 -2.92 25.85 15.71
C LEU B 420 -1.45 25.95 15.29
N MET B 421 -0.88 27.15 15.37
CA MET B 421 0.52 27.36 15.00
C MET B 421 1.49 26.95 16.10
N ALA B 422 1.01 26.43 17.23
CA ALA B 422 1.90 25.92 18.26
C ALA B 422 2.73 24.77 17.70
N GLU B 423 4.05 24.89 17.86
CA GLU B 423 4.95 23.92 17.23
C GLU B 423 4.75 22.51 17.77
N GLU B 424 4.33 22.38 19.03
CA GLU B 424 4.05 21.09 19.63
C GLU B 424 2.62 21.11 20.16
N SER B 425 1.75 20.29 19.56
CA SER B 425 0.36 20.22 19.97
C SER B 425 -0.16 18.82 19.66
N GLY B 426 -1.08 18.35 20.50
CA GLY B 426 -1.74 17.08 20.25
C GLY B 426 -2.61 17.06 19.02
N VAL B 427 -2.92 18.23 18.45
CA VAL B 427 -3.71 18.29 17.23
C VAL B 427 -2.81 18.09 16.01
N ARG B 428 -1.69 18.79 15.96
CA ARG B 428 -0.76 18.64 14.85
C ARG B 428 -0.20 17.22 14.77
N ARG B 429 -0.04 16.56 15.93
CA ARG B 429 0.40 15.18 15.92
C ARG B 429 -0.68 14.26 15.35
N LYS B 430 -1.94 14.49 15.73
CA LYS B 430 -3.04 13.68 15.21
C LYS B 430 -3.23 13.92 13.72
N VAL B 431 -3.05 15.16 13.26
CA VAL B 431 -3.13 15.45 11.84
C VAL B 431 -2.01 14.75 11.08
N LYS B 432 -0.79 14.83 11.61
CA LYS B 432 0.33 14.12 11.00
C LYS B 432 0.11 12.61 11.04
N GLU B 433 -0.48 12.11 12.14
CA GLU B 433 -0.79 10.69 12.22
C GLU B 433 -1.92 10.32 11.27
N MET B 434 -2.92 11.18 11.15
CA MET B 434 -4.06 10.88 10.27
C MET B 434 -3.69 11.03 8.80
N GLN B 435 -2.69 11.87 8.49
CA GLN B 435 -2.25 11.98 7.11
C GLN B 435 -1.69 10.66 6.60
N ASN B 436 -1.02 9.90 7.47
CA ASN B 436 -0.50 8.60 7.07
C ASN B 436 -1.63 7.60 6.83
N LYS B 437 -2.63 7.58 7.71
CA LYS B 437 -3.74 6.65 7.56
C LYS B 437 -4.58 6.94 6.32
N ALA B 438 -4.45 8.14 5.74
CA ALA B 438 -5.14 8.47 4.50
C ALA B 438 -4.36 8.00 3.28
N ARG B 439 -3.07 8.30 3.22
CA ARG B 439 -2.25 7.87 2.09
C ARG B 439 -2.05 6.37 2.10
N SER B 440 -1.90 5.76 3.28
CA SER B 440 -1.74 4.32 3.37
C SER B 440 -3.04 3.56 3.15
N ALA B 441 -4.18 4.26 3.06
CA ALA B 441 -5.46 3.61 2.79
C ALA B 441 -5.76 3.50 1.31
N LEU B 442 -5.06 4.23 0.46
CA LEU B 442 -5.26 4.17 -0.98
C LEU B 442 -4.27 3.27 -1.69
N LEU B 443 -3.14 2.96 -1.07
CA LEU B 443 -2.15 2.07 -1.65
C LEU B 443 -2.57 0.61 -1.44
N GLU B 444 -1.84 -0.29 -2.10
CA GLU B 444 -2.16 -1.71 -2.06
C GLU B 444 -2.22 -2.21 -0.62
N GLY B 445 -3.31 -2.90 -0.28
CA GLY B 445 -3.53 -3.38 1.07
C GLY B 445 -4.26 -2.41 1.97
N GLY B 446 -4.46 -1.16 1.55
CA GLY B 446 -5.16 -0.20 2.35
C GLY B 446 -6.64 -0.51 2.46
N SER B 447 -7.30 0.24 3.34
CA SER B 447 -8.74 0.04 3.56
C SER B 447 -9.54 0.42 2.33
N SER B 448 -9.29 1.61 1.78
CA SER B 448 -10.03 2.05 0.60
C SER B 448 -9.61 1.29 -0.65
N TYR B 449 -8.36 0.85 -0.72
CA TYR B 449 -7.92 0.02 -1.83
C TYR B 449 -8.74 -1.27 -1.92
N ASP B 450 -8.94 -1.93 -0.78
CA ASP B 450 -9.76 -3.13 -0.76
C ASP B 450 -11.23 -2.82 -0.98
N ALA B 451 -11.69 -1.64 -0.52
CA ALA B 451 -13.08 -1.26 -0.74
C ALA B 451 -13.36 -0.94 -2.19
N GLN B 452 -12.35 -0.43 -2.92
CA GLN B 452 -12.52 -0.22 -4.36
C GLN B 452 -12.59 -1.54 -5.11
N CYS B 453 -11.73 -2.51 -4.74
CA CYS B 453 -11.79 -3.82 -5.36
C CYS B 453 -13.09 -4.54 -5.00
N LEU B 454 -13.55 -4.39 -3.77
CA LEU B 454 -14.80 -5.02 -3.37
C LEU B 454 -16.00 -4.44 -4.11
N PHE B 455 -15.97 -3.13 -4.38
CA PHE B 455 -17.04 -2.52 -5.16
C PHE B 455 -17.04 -3.04 -6.59
N VAL B 456 -15.88 -3.00 -7.25
CA VAL B 456 -15.78 -3.49 -8.62
C VAL B 456 -16.15 -4.96 -8.69
N HIS B 457 -15.71 -5.75 -7.71
CA HIS B 457 -16.09 -7.15 -7.67
C HIS B 457 -17.59 -7.34 -7.46
N ASP B 458 -18.22 -6.44 -6.71
CA ASP B 458 -19.66 -6.54 -6.48
C ASP B 458 -20.48 -6.08 -7.66
N VAL B 459 -19.97 -5.14 -8.46
CA VAL B 459 -20.69 -4.70 -9.65
C VAL B 459 -20.81 -5.83 -10.66
N ILE B 460 -19.72 -6.56 -10.88
CA ILE B 460 -19.75 -7.65 -11.85
C ILE B 460 -20.56 -8.82 -11.33
N ASN B 461 -20.45 -9.12 -10.03
CA ASN B 461 -21.14 -10.28 -9.47
C ASN B 461 -22.64 -10.04 -9.34
N ASN B 462 -23.05 -8.79 -9.12
CA ASN B 462 -24.47 -8.46 -9.03
C ASN B 462 -25.14 -8.32 -10.39
N ILE B 463 -24.41 -8.55 -11.48
CA ILE B 463 -24.99 -8.52 -12.82
C ILE B 463 -25.24 -9.92 -13.38
N GLY B 464 -24.67 -10.95 -12.78
CA GLY B 464 -24.84 -12.31 -13.25
C GLY B 464 -23.63 -12.83 -14.01
N1 UDP C . 19.24 -24.01 -7.17
C2 UDP C . 19.77 -24.37 -8.40
N3 UDP C . 19.43 -25.62 -8.84
C4 UDP C . 18.62 -26.54 -8.19
C5 UDP C . 18.10 -26.08 -6.93
C6 UDP C . 18.42 -24.87 -6.47
O2 UDP C . 20.51 -23.63 -9.05
O4 UDP C . 18.39 -27.64 -8.72
C1' UDP C . 19.58 -22.68 -6.64
C2' UDP C . 18.60 -21.59 -7.08
O2' UDP C . 19.07 -20.93 -8.26
C3' UDP C . 18.60 -20.66 -5.87
C4' UDP C . 18.73 -21.65 -4.71
O4' UDP C . 19.52 -22.74 -5.23
O3' UDP C . 19.68 -19.74 -5.89
C5' UDP C . 17.43 -22.17 -4.16
O5' UDP C . 16.62 -21.06 -3.71
PA UDP C . 16.51 -20.69 -2.17
O1A UDP C . 17.89 -20.43 -1.68
O2A UDP C . 15.48 -19.59 -1.95
O3A UDP C . 15.92 -22.01 -1.50
PB UDP C . 16.63 -22.87 -0.38
O1B UDP C . 18.06 -23.04 -0.93
O2B UDP C . 15.90 -24.21 -0.46
O3B UDP C . 16.58 -22.21 0.97
N1 UDP D . -11.33 25.71 -3.89
C2 UDP D . -10.23 26.31 -4.47
N3 UDP D . -10.11 27.65 -4.24
C4 UDP D . -10.96 28.44 -3.49
C5 UDP D . -12.07 27.75 -2.92
C6 UDP D . -12.21 26.43 -3.12
O2 UDP D . -9.42 25.69 -5.15
O4 UDP D . -10.73 29.66 -3.37
C1' UDP D . -11.51 24.27 -4.10
C2' UDP D . -11.06 23.41 -2.91
O2' UDP D . -9.74 22.93 -3.13
C3' UDP D . -12.07 22.27 -2.93
C4' UDP D . -13.35 22.97 -3.39
O4' UDP D . -12.90 24.02 -4.29
O3' UDP D . -11.70 21.24 -3.85
C5' UDP D . -14.17 23.59 -2.29
O5' UDP D . -14.19 22.68 -1.16
PA UDP D . -15.54 22.05 -0.62
O1A UDP D . -16.19 21.39 -1.76
O2A UDP D . -15.29 21.21 0.63
O3A UDP D . -16.39 23.31 -0.13
PB UDP D . -17.73 23.82 -0.80
O1B UDP D . -17.43 23.76 -2.30
O2B UDP D . -17.80 25.28 -0.35
O3B UDP D . -18.91 23.00 -0.38
#